data_6GID
#
_entry.id   6GID
#
_cell.length_a   107.424
_cell.length_b   107.424
_cell.length_c   112.316
_cell.angle_alpha   90.00
_cell.angle_beta   90.00
_cell.angle_gamma   120.00
#
_symmetry.space_group_name_H-M   'P 32 2 1'
#
loop_
_entity.id
_entity.type
_entity.pdbx_description
1 polymer Neprilysin
2 non-polymer 2-acetamido-2-deoxy-beta-D-glucopyranose
3 non-polymer 'ZINC ION'
4 non-polymer 1,2-ETHANEDIOL
5 non-polymer 'NITRATE ION'
6 non-polymer DI(HYDROXYETHYL)ETHER
7 non-polymer GLYCEROL
8 non-polymer 'PHOSPHATE ION'
9 water water
#
_entity_poly.entity_id   1
_entity_poly.type   'polypeptide(L)'
_entity_poly.pdbx_seq_one_letter_code
;GICKSSDCIKSAARLIQNMDATTEPCTDFFKYACGGWLKRNVIPETSSRYGNFDILRDELEVVLKDVLQEPKTEDIVAVQ
KAKALYRSCINESAIDSRGGEPLLKLLPDIYGWPVATENWEQKYGASWTAEKAIAQLNSKYGKKVLINLFVGTDDKNSVN
HVIHIDQPRLGLPSRDYYECTGIYKEACTAYVDFMISVARLIRQEERLPIDENQLALEMNKVMELEKEIANATAKPEDRN
DPMLLYNKMTLAQIQNNFSLEINGKPFSWLNFTNEIMSTVNISITNEEDVVVYAPEYLTKLKPILTKYSARDLQNLMSWR
FIMDLVSSLSRTYKESRNAFRKALYGTTSETATWRRCANYVNGNMENAVGRLYVEAAFAGESKHVVEDLIAQIREVFIQT
LDDLTWMDAETKKRAEEKALAIKERIGYPDDIVSNDNKLNNEYLELNYKEDEYFENIIQNLKFSQSKQLKKLREKVDKDE
WISGAAVVNAFYSSGRNQIVFPAGILQPPFFSAQQSNSLNYGGIGMVIGHEITHGFDDNGRNFNKDGDLVDWWTQQSASN
FKEQSQCMVYQYGNFSWDLAGGQHLNGINTLGENIADNGGLGQAYRAYQNYIKKNGEEKLLPGLDLNHKQLFFLNFAQVW
CGTYRPEYAVNSIKTDVHSPGNFRIIGTLQNSAEFSEAFHCRKNSYMNPEKKCRVW
;
_entity_poly.pdbx_strand_id   A
#
loop_
_chem_comp.id
_chem_comp.type
_chem_comp.name
_chem_comp.formula
EDO non-polymer 1,2-ETHANEDIOL 'C2 H6 O2'
GOL non-polymer GLYCEROL 'C3 H8 O3'
NAG D-saccharide, beta linking 2-acetamido-2-deoxy-beta-D-glucopyranose 'C8 H15 N O6'
NO3 non-polymer 'NITRATE ION' 'N O3 -1'
PEG non-polymer DI(HYDROXYETHYL)ETHER 'C4 H10 O3'
PO4 non-polymer 'PHOSPHATE ION' 'O4 P -3'
ZN non-polymer 'ZINC ION' 'Zn 2'
#
# COMPACT_ATOMS: atom_id res chain seq x y z
N GLY A 1 31.07 25.94 20.72
CA GLY A 1 29.68 26.11 20.28
C GLY A 1 29.11 24.93 19.49
N ILE A 2 29.47 23.72 19.91
CA ILE A 2 29.14 22.49 19.19
C ILE A 2 28.41 21.56 20.15
N CYS A 3 27.29 20.99 19.69
CA CYS A 3 26.54 20.03 20.49
C CYS A 3 27.34 18.75 20.69
N LYS A 4 27.59 18.39 21.94
CA LYS A 4 28.38 17.20 22.29
C LYS A 4 27.54 16.22 23.10
N SER A 5 26.21 16.25 22.92
CA SER A 5 25.35 15.29 23.57
C SER A 5 25.44 13.92 22.90
N SER A 6 25.01 12.90 23.65
CA SER A 6 24.92 11.56 23.08
C SER A 6 23.98 11.53 21.87
N ASP A 7 22.89 12.29 21.92
CA ASP A 7 21.93 12.25 20.80
C ASP A 7 22.43 12.98 19.56
N CYS A 8 23.22 14.05 19.75
CA CYS A 8 23.89 14.67 18.62
C CYS A 8 24.98 13.78 18.05
N ILE A 9 25.66 13.00 18.90
CA ILE A 9 26.75 12.14 18.44
C ILE A 9 26.19 10.99 17.58
N LYS A 10 25.11 10.35 18.03
CA LYS A 10 24.53 9.27 17.23
C LYS A 10 24.01 9.79 15.90
N SER A 11 23.35 10.96 15.88
CA SER A 11 22.89 11.55 14.62
C SER A 11 24.04 11.84 13.67
N ALA A 12 25.08 12.51 14.18
CA ALA A 12 26.18 12.93 13.33
C ALA A 12 26.89 11.73 12.72
N ALA A 13 27.06 10.66 13.50
CA ALA A 13 27.72 9.48 12.98
C ALA A 13 26.92 8.86 11.85
N ARG A 14 25.59 8.80 12.03
CA ARG A 14 24.73 8.29 10.96
C ARG A 14 24.82 9.17 9.71
N LEU A 15 24.73 10.50 9.89
CA LEU A 15 24.80 11.39 8.73
C LEU A 15 26.12 11.20 7.99
N ILE A 16 27.24 11.16 8.75
CA ILE A 16 28.58 11.05 8.17
C ILE A 16 28.73 9.74 7.43
N GLN A 17 28.35 8.64 8.08
CA GLN A 17 28.49 7.33 7.47
C GLN A 17 27.71 7.22 6.17
N ASN A 18 26.51 7.81 6.10
CA ASN A 18 25.67 7.59 4.93
C ASN A 18 26.06 8.47 3.76
N MET A 19 26.64 9.63 4.03
CA MET A 19 26.88 10.58 2.97
C MET A 19 28.20 10.26 2.26
N ASP A 20 28.40 10.89 1.11
CA ASP A 20 29.67 10.82 0.38
C ASP A 20 30.08 12.25 0.09
N ALA A 21 30.92 12.80 0.94
CA ALA A 21 31.25 14.21 0.78
C ALA A 21 32.16 14.48 -0.42
N THR A 22 32.70 13.44 -1.07
CA THR A 22 33.48 13.63 -2.30
C THR A 22 32.61 13.90 -3.52
N THR A 23 31.29 13.76 -3.41
CA THR A 23 30.39 14.17 -4.47
C THR A 23 29.95 15.61 -4.22
N GLU A 24 29.81 16.38 -5.30
CA GLU A 24 29.41 17.78 -5.14
C GLU A 24 27.89 17.83 -4.96
N PRO A 25 27.38 18.43 -3.89
CA PRO A 25 25.93 18.37 -3.65
C PRO A 25 25.10 19.01 -4.76
N CYS A 26 25.67 19.94 -5.52
CA CYS A 26 24.90 20.60 -6.57
C CYS A 26 24.89 19.83 -7.87
N THR A 27 25.66 18.75 -7.96
CA THR A 27 25.65 17.87 -9.14
C THR A 27 24.76 16.66 -8.96
N ASP A 28 24.79 16.04 -7.79
CA ASP A 28 24.00 14.83 -7.53
C ASP A 28 23.81 14.74 -6.00
N PHE A 29 22.72 15.33 -5.51
CA PHE A 29 22.54 15.30 -4.06
C PHE A 29 22.17 13.92 -3.55
N PHE A 30 21.69 13.03 -4.41
CA PHE A 30 21.43 11.66 -3.99
C PHE A 30 22.73 10.95 -3.61
N LYS A 31 23.75 11.04 -4.46
CA LYS A 31 25.03 10.39 -4.16
C LYS A 31 25.76 11.12 -3.05
N TYR A 32 25.60 12.44 -2.99
CA TYR A 32 26.19 13.14 -1.86
C TYR A 32 25.58 12.67 -0.53
N ALA A 33 24.25 12.53 -0.48
CA ALA A 33 23.61 12.20 0.78
C ALA A 33 23.64 10.72 1.09
N CYS A 34 23.69 9.88 0.06
CA CYS A 34 23.51 8.44 0.24
C CYS A 34 24.66 7.58 -0.27
N GLY A 35 25.68 8.20 -0.89
CA GLY A 35 26.72 7.42 -1.55
C GLY A 35 27.46 6.51 -0.60
N GLY A 36 27.67 6.95 0.65
CA GLY A 36 28.36 6.11 1.61
C GLY A 36 27.51 4.94 2.03
N TRP A 37 26.19 5.18 2.20
CA TRP A 37 25.27 4.07 2.46
C TRP A 37 25.26 3.08 1.30
N LEU A 38 25.19 3.58 0.06
CA LEU A 38 25.17 2.68 -1.09
C LEU A 38 26.44 1.82 -1.14
N LYS A 39 27.60 2.40 -0.85
CA LYS A 39 28.84 1.65 -0.88
C LYS A 39 28.84 0.54 0.18
N ARG A 40 28.43 0.85 1.41
CA ARG A 40 28.49 -0.14 2.47
C ARG A 40 27.48 -1.27 2.30
N ASN A 41 26.38 -1.06 1.58
CA ASN A 41 25.23 -1.96 1.66
C ASN A 41 24.97 -2.72 0.36
N VAL A 42 24.42 -3.92 0.53
CA VAL A 42 23.97 -4.76 -0.56
C VAL A 42 22.54 -5.11 -0.24
N ILE A 43 21.71 -5.27 -1.26
CA ILE A 43 20.32 -5.68 -1.02
C ILE A 43 20.29 -7.11 -0.50
N PRO A 44 19.63 -7.39 0.62
CA PRO A 44 19.52 -8.78 1.10
C PRO A 44 18.88 -9.68 0.05
N GLU A 45 19.32 -10.96 0.06
CA GLU A 45 18.77 -11.97 -0.83
C GLU A 45 17.27 -12.10 -0.67
N THR A 46 16.73 -11.71 0.47
CA THR A 46 15.31 -11.87 0.75
C THR A 46 14.50 -10.64 0.38
N SER A 47 15.14 -9.56 -0.08
CA SER A 47 14.47 -8.30 -0.36
C SER A 47 14.65 -7.88 -1.82
N SER A 48 13.65 -7.19 -2.36
CA SER A 48 13.81 -6.62 -3.70
C SER A 48 14.17 -5.15 -3.63
N ARG A 49 14.22 -4.60 -2.43
CA ARG A 49 14.54 -3.20 -2.23
C ARG A 49 15.19 -3.10 -0.86
N TYR A 50 16.02 -2.09 -0.67
CA TYR A 50 16.70 -1.93 0.60
C TYR A 50 17.04 -0.45 0.76
N GLY A 51 17.13 -0.02 2.01
CA GLY A 51 17.36 1.39 2.30
C GLY A 51 16.84 1.72 3.69
N ASN A 52 16.71 3.01 3.96
CA ASN A 52 16.37 3.46 5.31
C ASN A 52 15.03 2.89 5.79
N PHE A 53 13.96 3.08 5.01
CA PHE A 53 12.64 2.56 5.38
C PHE A 53 12.70 1.06 5.62
N ASP A 54 13.29 0.33 4.67
CA ASP A 54 13.35 -1.12 4.77
C ASP A 54 14.16 -1.58 5.99
N ILE A 55 15.23 -0.86 6.33
CA ILE A 55 16.02 -1.21 7.52
C ILE A 55 15.18 -1.02 8.80
N LEU A 56 14.52 0.15 8.95
CA LEU A 56 13.68 0.37 10.13
C LEU A 56 12.56 -0.66 10.23
N ARG A 57 12.02 -1.09 9.10
CA ARG A 57 11.00 -2.12 9.14
C ARG A 57 11.56 -3.45 9.59
N ASP A 58 12.74 -3.81 9.07
CA ASP A 58 13.44 -4.99 9.55
C ASP A 58 13.68 -4.90 11.04
N GLU A 59 14.10 -3.71 11.53
CA GLU A 59 14.34 -3.56 12.96
C GLU A 59 13.04 -3.61 13.74
N LEU A 60 11.92 -3.21 13.14
CA LEU A 60 10.64 -3.30 13.83
C LEU A 60 10.21 -4.76 13.99
N GLU A 61 10.45 -5.57 12.95
CA GLU A 61 10.18 -7.00 13.01
C GLU A 61 10.92 -7.68 14.16
N VAL A 62 12.16 -7.26 14.44
CA VAL A 62 12.91 -7.76 15.60
C VAL A 62 12.15 -7.46 16.90
N VAL A 63 11.68 -6.22 17.06
CA VAL A 63 10.88 -5.92 18.25
C VAL A 63 9.66 -6.82 18.31
N LEU A 64 8.94 -6.96 17.18
CA LEU A 64 7.77 -7.84 17.14
C LEU A 64 8.11 -9.26 17.56
N LYS A 65 9.24 -9.79 17.07
CA LYS A 65 9.64 -11.15 17.45
C LYS A 65 9.85 -11.25 18.94
N ASP A 66 10.50 -10.24 19.53
CA ASP A 66 10.76 -10.24 20.96
C ASP A 66 9.47 -10.27 21.77
N VAL A 67 8.46 -9.49 21.37
CA VAL A 67 7.25 -9.42 22.20
C VAL A 67 6.33 -10.61 21.96
N LEU A 68 6.30 -11.18 20.74
CA LEU A 68 5.37 -12.27 20.47
C LEU A 68 5.88 -13.63 20.94
N GLN A 69 7.19 -13.80 21.08
CA GLN A 69 7.70 -15.16 21.28
C GLN A 69 7.70 -15.61 22.73
N GLU A 70 7.50 -14.72 23.70
CA GLU A 70 7.46 -15.14 25.11
C GLU A 70 6.07 -14.92 25.72
N PRO A 71 5.33 -15.98 26.06
CA PRO A 71 4.08 -15.78 26.82
C PRO A 71 4.37 -15.20 28.20
N LYS A 72 3.43 -14.40 28.70
CA LYS A 72 3.54 -13.81 30.03
C LYS A 72 2.26 -14.07 30.81
N THR A 73 2.40 -14.25 32.12
CA THR A 73 1.23 -14.55 32.96
C THR A 73 0.17 -13.47 32.86
N GLU A 74 0.57 -12.20 32.87
CA GLU A 74 -0.38 -11.07 32.82
C GLU A 74 -1.13 -10.92 31.47
N ASP A 75 -0.77 -11.66 30.42
CA ASP A 75 -1.33 -11.42 29.08
C ASP A 75 -2.86 -11.50 29.04
N ILE A 76 -3.51 -10.43 28.60
CA ILE A 76 -4.95 -10.50 28.37
C ILE A 76 -5.22 -11.41 27.16
N VAL A 77 -6.47 -11.82 27.00
CA VAL A 77 -6.82 -12.79 25.96
C VAL A 77 -6.43 -12.28 24.57
N ALA A 78 -6.63 -10.98 24.29
CA ALA A 78 -6.25 -10.47 22.97
C ALA A 78 -4.79 -10.78 22.68
N VAL A 79 -3.94 -10.62 23.69
CA VAL A 79 -2.50 -10.86 23.55
C VAL A 79 -2.19 -12.33 23.49
N GLN A 80 -2.89 -13.16 24.27
CA GLN A 80 -2.69 -14.60 24.17
C GLN A 80 -2.96 -15.07 22.75
N LYS A 81 -3.95 -14.47 22.08
CA LYS A 81 -4.34 -14.93 20.75
C LYS A 81 -3.31 -14.53 19.71
N ALA A 82 -2.75 -13.32 19.81
CA ALA A 82 -1.68 -12.92 18.88
C ALA A 82 -0.46 -13.86 19.01
N LYS A 83 -0.04 -14.14 20.25
CA LYS A 83 1.11 -15.03 20.45
C LYS A 83 0.80 -16.46 19.99
N ALA A 84 -0.43 -16.93 20.22
CA ALA A 84 -0.80 -18.25 19.73
C ALA A 84 -0.80 -18.28 18.21
N LEU A 85 -1.29 -17.21 17.58
CA LEU A 85 -1.27 -17.17 16.12
C LEU A 85 0.17 -17.23 15.62
N TYR A 86 1.07 -16.48 16.27
CA TYR A 86 2.48 -16.45 15.90
C TYR A 86 3.13 -17.83 16.03
N ARG A 87 2.91 -18.50 17.16
CA ARG A 87 3.41 -19.85 17.36
C ARG A 87 2.86 -20.81 16.32
N SER A 88 1.58 -20.66 15.93
CA SER A 88 1.07 -21.57 14.91
C SER A 88 1.79 -21.33 13.59
N CYS A 89 2.17 -20.08 13.35
CA CYS A 89 2.76 -19.71 12.07
C CYS A 89 4.20 -20.22 11.96
N ILE A 90 4.98 -20.13 13.04
CA ILE A 90 6.39 -20.50 12.94
C ILE A 90 6.63 -21.98 13.14
N ASN A 91 5.60 -22.78 13.45
CA ASN A 91 5.79 -24.22 13.59
C ASN A 91 5.79 -24.90 12.23
N GLU A 92 6.96 -24.90 11.58
CA GLU A 92 7.07 -25.49 10.25
C GLU A 92 6.95 -27.01 10.27
N SER A 93 7.28 -27.64 11.38
CA SER A 93 7.09 -29.08 11.50
C SER A 93 5.61 -29.45 11.39
N ALA A 94 4.74 -28.79 12.17
CA ALA A 94 3.31 -29.07 12.05
C ALA A 94 2.82 -28.77 10.63
N ILE A 95 3.22 -27.62 10.09
CA ILE A 95 2.78 -27.25 8.75
C ILE A 95 3.26 -28.28 7.72
N ASP A 96 4.53 -28.66 7.78
CA ASP A 96 5.10 -29.54 6.77
C ASP A 96 4.45 -30.91 6.78
N SER A 97 4.07 -31.41 7.96
CA SER A 97 3.52 -32.75 8.01
C SER A 97 2.13 -32.82 7.40
N ARG A 98 1.42 -31.68 7.25
CA ARG A 98 0.11 -31.67 6.63
C ARG A 98 0.17 -31.58 5.10
N GLY A 99 1.35 -31.31 4.52
CA GLY A 99 1.49 -31.24 3.08
C GLY A 99 0.52 -30.21 2.51
N GLY A 100 -0.22 -30.61 1.49
CA GLY A 100 -1.27 -29.77 0.95
C GLY A 100 -2.65 -30.12 1.44
N GLU A 101 -2.79 -31.06 2.37
CA GLU A 101 -4.11 -31.52 2.80
C GLU A 101 -5.05 -30.39 3.20
N PRO A 102 -4.62 -29.32 3.88
CA PRO A 102 -5.58 -28.26 4.22
C PRO A 102 -6.15 -27.53 3.01
N LEU A 103 -5.39 -27.42 1.93
CA LEU A 103 -5.96 -26.85 0.72
C LEU A 103 -6.89 -27.85 0.03
N LEU A 104 -6.45 -29.11 -0.08
CA LEU A 104 -7.33 -30.13 -0.66
C LEU A 104 -8.68 -30.17 0.04
N LYS A 105 -8.70 -30.06 1.37
CA LYS A 105 -9.97 -29.97 2.08
C LYS A 105 -10.78 -28.77 1.63
N LEU A 106 -10.12 -27.69 1.25
CA LEU A 106 -10.85 -26.46 1.01
C LEU A 106 -11.44 -26.39 -0.40
N LEU A 107 -10.80 -27.05 -1.37
CA LEU A 107 -11.15 -26.83 -2.77
C LEU A 107 -12.61 -27.13 -3.12
N PRO A 108 -13.26 -28.17 -2.59
CA PRO A 108 -14.68 -28.35 -2.96
C PRO A 108 -15.53 -27.15 -2.63
N ASP A 109 -15.19 -26.38 -1.59
CA ASP A 109 -16.01 -25.27 -1.13
C ASP A 109 -15.97 -24.08 -2.07
N ILE A 110 -15.07 -24.09 -3.05
CA ILE A 110 -14.98 -23.01 -4.03
C ILE A 110 -15.23 -23.52 -5.45
N TYR A 111 -15.85 -24.70 -5.58
CA TYR A 111 -16.16 -25.34 -6.86
C TYR A 111 -14.91 -25.92 -7.50
N GLY A 112 -13.91 -26.29 -6.68
CA GLY A 112 -12.76 -27.04 -7.13
C GLY A 112 -11.80 -26.25 -8.00
N TRP A 113 -10.70 -26.90 -8.33
CA TRP A 113 -9.77 -26.38 -9.33
C TRP A 113 -9.74 -27.38 -10.47
N PRO A 114 -10.39 -27.08 -11.60
CA PRO A 114 -10.61 -28.14 -12.60
C PRO A 114 -9.35 -28.86 -13.03
N VAL A 115 -8.23 -28.16 -13.22
CA VAL A 115 -7.03 -28.81 -13.75
C VAL A 115 -6.54 -29.90 -12.81
N ALA A 116 -6.87 -29.80 -11.52
CA ALA A 116 -6.45 -30.75 -10.50
C ALA A 116 -7.60 -31.60 -10.02
N THR A 117 -8.69 -31.67 -10.80
CA THR A 117 -9.89 -32.39 -10.44
C THR A 117 -10.22 -33.33 -11.59
N GLU A 118 -10.56 -34.57 -11.25
CA GLU A 118 -11.09 -35.50 -12.23
C GLU A 118 -12.59 -35.29 -12.37
N ASN A 119 -13.07 -35.29 -13.61
CA ASN A 119 -14.50 -35.14 -13.92
C ASN A 119 -15.09 -33.89 -13.25
N TRP A 120 -14.41 -32.76 -13.43
CA TRP A 120 -14.89 -31.51 -12.83
C TRP A 120 -16.30 -31.17 -13.31
N GLU A 121 -16.58 -31.37 -14.61
CA GLU A 121 -17.87 -30.99 -15.17
C GLU A 121 -19.02 -31.73 -14.49
N GLN A 122 -18.80 -33.01 -14.17
CA GLN A 122 -19.86 -33.78 -13.54
C GLN A 122 -19.99 -33.40 -12.08
N LYS A 123 -18.85 -33.20 -11.41
CA LYS A 123 -18.89 -32.93 -9.98
C LYS A 123 -19.37 -31.52 -9.69
N TYR A 124 -18.78 -30.53 -10.34
CA TYR A 124 -19.06 -29.13 -10.04
C TYR A 124 -19.76 -28.40 -11.17
N GLY A 125 -19.33 -28.62 -12.41
CA GLY A 125 -19.93 -27.95 -13.56
C GLY A 125 -21.41 -28.16 -13.69
N ALA A 126 -21.98 -29.09 -12.92
CA ALA A 126 -23.41 -29.39 -13.01
C ALA A 126 -24.26 -28.26 -12.43
N SER A 127 -23.97 -27.86 -11.19
CA SER A 127 -24.66 -26.78 -10.51
C SER A 127 -23.90 -25.45 -10.55
N TRP A 128 -22.89 -25.34 -11.41
CA TRP A 128 -22.00 -24.18 -11.41
C TRP A 128 -22.68 -22.97 -12.06
N THR A 129 -22.70 -21.84 -11.37
CA THR A 129 -23.06 -20.58 -12.01
C THR A 129 -22.03 -19.52 -11.66
N ALA A 130 -21.86 -18.55 -12.56
CA ALA A 130 -20.90 -17.48 -12.30
C ALA A 130 -21.33 -16.68 -11.07
N GLU A 131 -22.63 -16.47 -10.90
CA GLU A 131 -23.12 -15.79 -9.71
C GLU A 131 -22.64 -16.50 -8.45
N LYS A 132 -22.84 -17.81 -8.37
CA LYS A 132 -22.51 -18.55 -7.15
C LYS A 132 -21.00 -18.73 -6.99
N ALA A 133 -20.27 -18.97 -8.09
CA ALA A 133 -18.84 -19.25 -7.95
C ALA A 133 -18.05 -17.99 -7.62
N ILE A 134 -18.35 -16.88 -8.29
CA ILE A 134 -17.67 -15.63 -7.95
C ILE A 134 -18.02 -15.21 -6.52
N ALA A 135 -19.30 -15.30 -6.17
CA ALA A 135 -19.74 -14.83 -4.86
C ALA A 135 -19.11 -15.64 -3.74
N GLN A 136 -18.95 -16.95 -3.95
CA GLN A 136 -18.44 -17.80 -2.89
C GLN A 136 -17.00 -17.41 -2.53
N LEU A 137 -16.17 -17.16 -3.53
CA LEU A 137 -14.81 -16.72 -3.24
C LEU A 137 -14.83 -15.33 -2.62
N ASN A 138 -15.70 -14.46 -3.11
CA ASN A 138 -15.83 -13.12 -2.57
C ASN A 138 -16.27 -13.15 -1.11
N SER A 139 -17.42 -13.77 -0.83
CA SER A 139 -18.06 -13.61 0.48
C SER A 139 -17.39 -14.43 1.57
N LYS A 140 -16.95 -15.66 1.26
CA LYS A 140 -16.37 -16.50 2.29
C LYS A 140 -14.88 -16.23 2.48
N TYR A 141 -14.15 -15.91 1.40
CA TYR A 141 -12.70 -15.82 1.49
C TYR A 141 -12.14 -14.45 1.17
N GLY A 142 -12.98 -13.45 0.91
CA GLY A 142 -12.54 -12.10 0.55
C GLY A 142 -11.74 -12.00 -0.73
N LYS A 143 -11.77 -13.02 -1.58
CA LYS A 143 -11.02 -13.05 -2.83
C LYS A 143 -11.93 -12.64 -3.99
N LYS A 144 -11.61 -11.52 -4.63
CA LYS A 144 -12.46 -10.90 -5.65
C LYS A 144 -11.83 -11.15 -7.02
N VAL A 145 -12.50 -11.97 -7.83
CA VAL A 145 -12.03 -12.31 -9.17
C VAL A 145 -13.12 -12.01 -10.20
N LEU A 146 -12.69 -11.61 -11.40
CA LEU A 146 -13.51 -11.29 -12.57
C LEU A 146 -14.33 -10.03 -12.38
N ILE A 147 -15.16 -10.01 -11.34
CA ILE A 147 -16.01 -8.86 -10.99
C ILE A 147 -15.73 -8.50 -9.54
N ASN A 148 -15.11 -7.36 -9.29
CA ASN A 148 -14.74 -6.96 -7.93
C ASN A 148 -15.89 -6.20 -7.29
N LEU A 149 -16.70 -6.89 -6.49
CA LEU A 149 -17.77 -6.25 -5.73
C LEU A 149 -17.35 -6.15 -4.26
N PHE A 150 -17.41 -4.93 -3.70
CA PHE A 150 -17.02 -4.74 -2.30
C PHE A 150 -17.88 -3.67 -1.65
N VAL A 151 -17.99 -3.74 -0.32
CA VAL A 151 -18.63 -2.71 0.48
C VAL A 151 -17.55 -1.70 0.90
N GLY A 152 -17.78 -0.41 0.61
CA GLY A 152 -16.83 0.62 0.99
C GLY A 152 -17.53 1.91 1.35
N THR A 153 -16.72 2.93 1.65
CA THR A 153 -17.23 4.25 1.97
C THR A 153 -17.75 4.92 0.70
N ASP A 154 -18.92 5.58 0.82
CA ASP A 154 -19.48 6.32 -0.31
C ASP A 154 -18.69 7.60 -0.49
N ASP A 155 -18.03 7.78 -1.64
CA ASP A 155 -17.18 8.95 -1.82
C ASP A 155 -17.94 10.25 -1.65
N LYS A 156 -19.24 10.27 -2.00
CA LYS A 156 -20.06 11.48 -1.93
C LYS A 156 -20.89 11.58 -0.65
N ASN A 157 -20.86 10.57 0.20
CA ASN A 157 -21.45 10.66 1.54
C ASN A 157 -20.59 9.79 2.44
N SER A 158 -19.53 10.40 2.98
CA SER A 158 -18.43 9.71 3.64
C SER A 158 -18.80 9.11 4.99
N VAL A 159 -20.02 9.34 5.49
CA VAL A 159 -20.41 8.63 6.71
C VAL A 159 -21.11 7.31 6.42
N ASN A 160 -21.50 7.06 5.18
CA ASN A 160 -22.22 5.85 4.83
C ASN A 160 -21.34 4.88 4.04
N HIS A 161 -21.77 3.62 4.04
CA HIS A 161 -21.19 2.62 3.16
C HIS A 161 -22.13 2.30 2.02
N VAL A 162 -21.55 1.85 0.91
CA VAL A 162 -22.31 1.54 -0.30
C VAL A 162 -21.57 0.44 -1.04
N ILE A 163 -22.34 -0.36 -1.79
CA ILE A 163 -21.76 -1.40 -2.62
C ILE A 163 -21.08 -0.77 -3.82
N HIS A 164 -19.86 -1.24 -4.13
CA HIS A 164 -19.10 -0.83 -5.30
C HIS A 164 -18.90 -2.01 -6.25
N ILE A 165 -18.80 -1.71 -7.54
CA ILE A 165 -18.38 -2.70 -8.54
C ILE A 165 -17.19 -2.11 -9.27
N ASP A 166 -16.11 -2.88 -9.36
CA ASP A 166 -14.86 -2.41 -9.95
C ASP A 166 -14.22 -3.56 -10.71
N GLN A 167 -13.18 -3.23 -11.49
CA GLN A 167 -12.39 -4.26 -12.14
C GLN A 167 -11.55 -5.00 -11.10
N PRO A 168 -11.19 -6.25 -11.35
CA PRO A 168 -10.42 -7.02 -10.38
C PRO A 168 -8.93 -6.76 -10.48
N ARG A 169 -8.25 -6.98 -9.35
CA ARG A 169 -6.80 -7.05 -9.37
C ARG A 169 -6.33 -8.31 -10.10
N LEU A 170 -5.14 -8.23 -10.69
CA LEU A 170 -4.63 -9.30 -11.56
C LEU A 170 -3.60 -10.17 -10.83
N GLY A 171 -3.24 -11.29 -11.45
CA GLY A 171 -2.24 -12.16 -10.85
C GLY A 171 -0.84 -11.58 -10.91
N LEU A 172 -0.47 -10.98 -12.03
CA LEU A 172 0.81 -10.33 -12.18
C LEU A 172 0.72 -8.90 -11.65
N PRO A 173 1.86 -8.20 -11.48
CA PRO A 173 1.83 -6.90 -10.77
C PRO A 173 1.03 -5.81 -11.46
N SER A 174 0.93 -5.80 -12.79
CA SER A 174 0.09 -4.79 -13.43
C SER A 174 -0.33 -5.30 -14.80
N ARG A 175 -1.30 -4.60 -15.38
CA ARG A 175 -1.78 -4.95 -16.72
C ARG A 175 -0.67 -4.98 -17.75
N ASP A 176 0.39 -4.17 -17.57
CA ASP A 176 1.49 -4.13 -18.54
C ASP A 176 2.22 -5.47 -18.67
N TYR A 177 2.27 -6.26 -17.60
CA TYR A 177 2.97 -7.55 -17.64
C TYR A 177 2.37 -8.48 -18.69
N TYR A 178 1.09 -8.32 -19.00
CA TYR A 178 0.40 -9.27 -19.85
C TYR A 178 0.75 -9.12 -21.34
N GLU A 179 1.53 -8.10 -21.70
CA GLU A 179 2.16 -8.10 -23.01
C GLU A 179 3.10 -9.28 -23.17
N CYS A 180 3.79 -9.66 -22.08
CA CYS A 180 4.57 -10.89 -21.97
C CYS A 180 5.78 -10.93 -22.91
N THR A 181 6.33 -9.76 -23.25
CA THR A 181 7.52 -9.70 -24.10
C THR A 181 8.61 -8.89 -23.40
N GLY A 182 9.85 -9.08 -23.85
CA GLY A 182 10.94 -8.27 -23.35
C GLY A 182 11.07 -8.35 -21.84
N ILE A 183 11.00 -7.19 -21.17
CA ILE A 183 11.21 -7.16 -19.74
C ILE A 183 10.14 -7.91 -18.95
N TYR A 184 9.01 -8.24 -19.57
CA TYR A 184 7.94 -8.96 -18.91
C TYR A 184 7.94 -10.43 -19.26
N LYS A 185 8.80 -10.86 -20.18
CA LYS A 185 8.70 -12.21 -20.71
C LYS A 185 9.01 -13.27 -19.64
N GLU A 186 10.07 -13.08 -18.87
CA GLU A 186 10.41 -14.10 -17.88
C GLU A 186 9.33 -14.20 -16.80
N ALA A 187 8.72 -13.06 -16.40
CA ALA A 187 7.61 -13.09 -15.45
C ALA A 187 6.42 -13.89 -15.97
N CYS A 188 6.05 -13.68 -17.23
CA CYS A 188 4.94 -14.44 -17.80
C CYS A 188 5.26 -15.92 -17.85
N THR A 189 6.48 -16.28 -18.26
CA THR A 189 6.88 -17.69 -18.25
C THR A 189 6.80 -18.28 -16.83
N ALA A 190 7.40 -17.58 -15.87
CA ALA A 190 7.38 -18.06 -14.48
C ALA A 190 5.96 -18.19 -13.94
N TYR A 191 5.05 -17.30 -14.32
CA TYR A 191 3.67 -17.31 -13.84
C TYR A 191 2.94 -18.57 -14.28
N VAL A 192 3.01 -18.89 -15.57
CA VAL A 192 2.33 -20.10 -16.02
C VAL A 192 3.04 -21.34 -15.46
N ASP A 193 4.37 -21.29 -15.34
CA ASP A 193 5.11 -22.41 -14.75
C ASP A 193 4.71 -22.63 -13.29
N PHE A 194 4.59 -21.54 -12.52
CA PHE A 194 4.00 -21.57 -11.19
C PHE A 194 2.65 -22.31 -11.17
N MET A 195 1.69 -21.85 -11.97
CA MET A 195 0.41 -22.56 -12.14
C MET A 195 0.62 -24.06 -12.34
N ILE A 196 1.43 -24.43 -13.33
CA ILE A 196 1.65 -25.84 -13.65
C ILE A 196 2.22 -26.59 -12.46
N SER A 197 3.22 -26.00 -11.79
CA SER A 197 3.87 -26.70 -10.68
C SER A 197 2.91 -26.95 -9.52
N VAL A 198 2.04 -25.98 -9.23
CA VAL A 198 1.05 -26.17 -8.18
C VAL A 198 -0.01 -27.17 -8.59
N ALA A 199 -0.45 -27.12 -9.84
CA ALA A 199 -1.38 -28.14 -10.33
C ALA A 199 -0.77 -29.54 -10.20
N ARG A 200 0.51 -29.66 -10.56
CA ARG A 200 1.18 -30.96 -10.51
C ARG A 200 1.25 -31.48 -9.07
N LEU A 201 1.64 -30.61 -8.13
CA LEU A 201 1.71 -31.02 -6.73
C LEU A 201 0.35 -31.49 -6.22
N ILE A 202 -0.72 -30.75 -6.53
CA ILE A 202 -2.04 -31.15 -6.05
C ILE A 202 -2.45 -32.49 -6.66
N ARG A 203 -2.25 -32.65 -7.97
CA ARG A 203 -2.57 -33.92 -8.60
C ARG A 203 -1.76 -35.06 -7.98
N GLN A 204 -0.46 -34.82 -7.74
CA GLN A 204 0.37 -35.84 -7.13
C GLN A 204 -0.13 -36.21 -5.75
N GLU A 205 -0.58 -35.22 -4.98
CA GLU A 205 -1.10 -35.49 -3.65
C GLU A 205 -2.47 -36.16 -3.70
N GLU A 206 -3.31 -35.87 -4.72
CA GLU A 206 -4.56 -36.59 -4.91
C GLU A 206 -4.37 -37.95 -5.56
N ARG A 207 -3.13 -38.30 -5.92
CA ARG A 207 -2.81 -39.55 -6.62
C ARG A 207 -3.54 -39.64 -7.97
N LEU A 208 -3.59 -38.51 -8.71
CA LEU A 208 -4.06 -38.49 -10.08
C LEU A 208 -2.88 -38.58 -11.04
N PRO A 209 -3.08 -39.09 -12.25
CA PRO A 209 -1.99 -39.17 -13.23
C PRO A 209 -1.59 -37.79 -13.75
N ILE A 210 -0.29 -37.61 -13.94
CA ILE A 210 0.29 -36.33 -14.37
C ILE A 210 0.54 -36.42 -15.88
N ASP A 211 -0.15 -35.57 -16.63
CA ASP A 211 -0.01 -35.41 -18.08
C ASP A 211 0.53 -33.99 -18.33
N GLU A 212 1.85 -33.89 -18.51
CA GLU A 212 2.48 -32.57 -18.57
C GLU A 212 1.94 -31.73 -19.73
N ASN A 213 1.60 -32.36 -20.85
CA ASN A 213 1.11 -31.59 -21.98
C ASN A 213 -0.28 -31.03 -21.70
N GLN A 214 -1.11 -31.80 -20.98
CA GLN A 214 -2.44 -31.32 -20.61
C GLN A 214 -2.37 -30.24 -19.55
N LEU A 215 -1.40 -30.32 -18.63
CA LEU A 215 -1.19 -29.24 -17.68
C LEU A 215 -0.82 -27.97 -18.41
N ALA A 216 0.10 -28.07 -19.36
CA ALA A 216 0.52 -26.89 -20.11
C ALA A 216 -0.64 -26.32 -20.90
N LEU A 217 -1.47 -27.20 -21.45
CA LEU A 217 -2.62 -26.75 -22.22
C LEU A 217 -3.56 -25.94 -21.35
N GLU A 218 -3.98 -26.50 -20.20
CA GLU A 218 -5.03 -25.83 -19.43
C GLU A 218 -4.52 -24.53 -18.81
N MET A 219 -3.26 -24.52 -18.35
CA MET A 219 -2.72 -23.34 -17.68
C MET A 219 -2.38 -22.25 -18.68
N ASN A 220 -2.03 -22.58 -19.92
CA ASN A 220 -1.83 -21.53 -20.89
C ASN A 220 -3.14 -20.87 -21.28
N LYS A 221 -4.25 -21.62 -21.25
CA LYS A 221 -5.57 -21.00 -21.44
C LYS A 221 -5.97 -20.15 -20.25
N VAL A 222 -5.53 -20.49 -19.03
CA VAL A 222 -5.75 -19.58 -17.90
C VAL A 222 -5.09 -18.24 -18.19
N MET A 223 -3.85 -18.30 -18.67
CA MET A 223 -3.11 -17.09 -19.02
C MET A 223 -3.80 -16.34 -20.16
N GLU A 224 -4.28 -17.07 -21.17
CA GLU A 224 -4.93 -16.42 -22.29
C GLU A 224 -6.16 -15.65 -21.84
N LEU A 225 -7.00 -16.29 -21.01
CA LEU A 225 -8.13 -15.58 -20.42
C LEU A 225 -7.67 -14.37 -19.62
N GLU A 226 -6.66 -14.54 -18.75
CA GLU A 226 -6.31 -13.42 -17.89
C GLU A 226 -5.68 -12.28 -18.70
N LYS A 227 -5.02 -12.61 -19.83
CA LYS A 227 -4.54 -11.57 -20.72
C LYS A 227 -5.71 -10.70 -21.21
N GLU A 228 -6.82 -11.35 -21.58
CA GLU A 228 -8.00 -10.61 -22.00
C GLU A 228 -8.57 -9.75 -20.88
N ILE A 229 -8.64 -10.30 -19.66
CA ILE A 229 -9.14 -9.51 -18.55
C ILE A 229 -8.26 -8.30 -18.33
N ALA A 230 -6.96 -8.53 -18.28
CA ALA A 230 -5.96 -7.48 -18.10
C ALA A 230 -6.12 -6.36 -19.12
N ASN A 231 -6.26 -6.74 -20.39
CA ASN A 231 -6.39 -5.74 -21.44
C ASN A 231 -7.71 -4.97 -21.35
N ALA A 232 -8.73 -5.58 -20.77
CA ALA A 232 -10.01 -4.93 -20.59
C ALA A 232 -10.03 -3.93 -19.44
N THR A 233 -9.11 -4.07 -18.47
CA THR A 233 -9.04 -3.17 -17.33
C THR A 233 -8.54 -1.79 -17.77
N ALA A 234 -9.09 -0.77 -17.11
CA ALA A 234 -8.64 0.61 -17.34
C ALA A 234 -7.27 0.84 -16.73
N LYS A 235 -6.48 1.66 -17.40
CA LYS A 235 -5.17 2.03 -16.91
C LYS A 235 -5.30 2.92 -15.67
N PRO A 236 -4.23 3.02 -14.88
CA PRO A 236 -4.29 3.90 -13.70
C PRO A 236 -4.48 5.36 -14.05
N GLU A 237 -3.94 5.78 -15.19
CA GLU A 237 -4.07 7.15 -15.69
C GLU A 237 -5.50 7.49 -16.09
N ASP A 238 -6.35 6.49 -16.32
CA ASP A 238 -7.77 6.73 -16.59
C ASP A 238 -8.64 6.49 -15.38
N ARG A 239 -8.04 6.32 -14.20
CA ARG A 239 -8.77 6.10 -12.96
C ARG A 239 -8.37 7.12 -11.90
N ASN A 240 -7.54 8.10 -12.25
CA ASN A 240 -6.96 9.04 -11.30
C ASN A 240 -7.83 10.28 -11.07
N ASP A 241 -8.96 10.41 -11.78
CA ASP A 241 -9.87 11.51 -11.52
C ASP A 241 -11.07 11.01 -10.74
N PRO A 242 -11.15 11.26 -9.43
CA PRO A 242 -12.23 10.65 -8.63
C PRO A 242 -13.61 11.16 -8.98
N MET A 243 -13.72 12.37 -9.51
CA MET A 243 -15.02 12.82 -9.98
C MET A 243 -15.50 11.99 -11.16
N LEU A 244 -14.60 11.67 -12.09
CA LEU A 244 -15.00 10.83 -13.23
C LEU A 244 -15.19 9.38 -12.85
N LEU A 245 -14.43 8.89 -11.86
CA LEU A 245 -14.52 7.49 -11.49
C LEU A 245 -15.86 7.17 -10.83
N TYR A 246 -16.42 8.12 -10.09
CA TYR A 246 -17.64 7.86 -9.32
C TYR A 246 -18.86 7.82 -10.25
N ASN A 247 -19.54 6.67 -10.35
CA ASN A 247 -20.79 6.59 -11.12
C ASN A 247 -21.81 5.82 -10.28
N LYS A 248 -22.80 6.50 -9.72
CA LYS A 248 -23.80 5.80 -8.91
C LYS A 248 -24.98 5.42 -9.78
N MET A 249 -25.40 4.17 -9.69
CA MET A 249 -26.60 3.76 -10.39
C MET A 249 -27.28 2.66 -9.57
N THR A 250 -28.51 2.35 -9.96
CA THR A 250 -29.24 1.30 -9.26
C THR A 250 -28.81 -0.06 -9.81
N LEU A 251 -29.11 -1.11 -9.05
CA LEU A 251 -28.90 -2.45 -9.56
C LEU A 251 -29.74 -2.69 -10.81
N ALA A 252 -30.97 -2.18 -10.82
CA ALA A 252 -31.80 -2.26 -12.03
C ALA A 252 -31.07 -1.68 -13.23
N GLN A 253 -30.48 -0.50 -13.06
CA GLN A 253 -29.77 0.10 -14.18
C GLN A 253 -28.57 -0.74 -14.59
N ILE A 254 -27.88 -1.34 -13.61
CA ILE A 254 -26.72 -2.18 -13.92
C ILE A 254 -27.13 -3.36 -14.79
N GLN A 255 -28.19 -4.06 -14.39
CA GLN A 255 -28.71 -5.15 -15.23
C GLN A 255 -29.00 -4.67 -16.65
N ASN A 256 -29.62 -3.47 -16.78
CA ASN A 256 -29.93 -2.94 -18.12
C ASN A 256 -28.68 -2.61 -18.90
N ASN A 257 -27.69 -2.01 -18.25
CA ASN A 257 -26.55 -1.44 -18.95
C ASN A 257 -25.35 -2.39 -19.08
N PHE A 258 -25.21 -3.40 -18.20
CA PHE A 258 -24.04 -4.28 -18.22
C PHE A 258 -24.48 -5.74 -18.15
N SER A 259 -25.12 -6.20 -19.22
CA SER A 259 -25.53 -7.58 -19.31
C SER A 259 -24.33 -8.45 -19.62
N LEU A 260 -24.38 -9.69 -19.15
CA LEU A 260 -23.29 -10.64 -19.30
C LEU A 260 -23.87 -12.01 -19.57
N GLU A 261 -23.26 -12.74 -20.50
CA GLU A 261 -23.59 -14.15 -20.75
C GLU A 261 -22.37 -14.96 -20.37
N ILE A 262 -22.48 -15.75 -19.31
CA ILE A 262 -21.36 -16.54 -18.80
C ILE A 262 -21.78 -18.00 -18.76
N ASN A 263 -20.99 -18.88 -19.38
CA ASN A 263 -21.33 -20.30 -19.46
C ASN A 263 -22.72 -20.48 -20.06
N GLY A 264 -23.07 -19.59 -21.00
CA GLY A 264 -24.35 -19.60 -21.66
C GLY A 264 -25.54 -19.18 -20.82
N LYS A 265 -25.32 -18.73 -19.59
CA LYS A 265 -26.41 -18.33 -18.71
C LYS A 265 -26.44 -16.81 -18.57
N PRO A 266 -27.61 -16.18 -18.65
CA PRO A 266 -27.68 -14.72 -18.46
C PRO A 266 -27.32 -14.37 -17.02
N PHE A 267 -26.32 -13.50 -16.87
CA PHE A 267 -25.82 -13.14 -15.54
C PHE A 267 -26.85 -12.27 -14.82
N SER A 268 -27.28 -12.70 -13.65
CA SER A 268 -28.24 -11.95 -12.84
C SER A 268 -27.47 -11.16 -11.78
N TRP A 269 -27.39 -9.84 -11.96
CA TRP A 269 -26.66 -9.01 -11.01
C TRP A 269 -27.30 -9.07 -9.64
N LEU A 270 -28.62 -9.13 -9.59
CA LEU A 270 -29.30 -9.15 -8.30
C LEU A 270 -29.04 -10.46 -7.55
N ASN A 271 -28.95 -11.57 -8.29
CA ASN A 271 -28.67 -12.86 -7.68
C ASN A 271 -27.22 -12.95 -7.22
N PHE A 272 -26.30 -12.38 -8.00
CA PHE A 272 -24.89 -12.30 -7.61
C PHE A 272 -24.73 -11.48 -6.32
N THR A 273 -25.34 -10.30 -6.28
CA THR A 273 -25.23 -9.46 -5.09
C THR A 273 -25.85 -10.12 -3.88
N ASN A 274 -26.97 -10.81 -4.07
CA ASN A 274 -27.59 -11.48 -2.94
C ASN A 274 -26.82 -12.73 -2.53
N GLU A 275 -26.21 -13.43 -3.47
CA GLU A 275 -25.33 -14.53 -3.08
C GLU A 275 -24.23 -14.05 -2.13
N ILE A 276 -23.75 -12.81 -2.33
CA ILE A 276 -22.76 -12.26 -1.42
C ILE A 276 -23.43 -11.74 -0.16
N MET A 277 -24.41 -10.85 -0.31
CA MET A 277 -24.90 -10.12 0.85
C MET A 277 -25.73 -11.01 1.79
N SER A 278 -26.31 -12.10 1.30
CA SER A 278 -27.02 -13.02 2.19
C SER A 278 -26.10 -13.67 3.22
N THR A 279 -24.79 -13.73 2.92
CA THR A 279 -23.79 -14.25 3.85
C THR A 279 -23.85 -13.59 5.21
N VAL A 280 -24.27 -12.33 5.25
CA VAL A 280 -24.40 -11.57 6.49
C VAL A 280 -25.86 -11.15 6.67
N ASN A 281 -26.78 -11.93 6.09
CA ASN A 281 -28.21 -11.83 6.36
C ASN A 281 -28.81 -10.50 5.88
N ILE A 282 -28.27 -9.95 4.79
CA ILE A 282 -28.74 -8.68 4.24
C ILE A 282 -29.35 -8.95 2.88
N SER A 283 -30.60 -8.53 2.69
CA SER A 283 -31.30 -8.73 1.42
C SER A 283 -31.19 -7.49 0.56
N ILE A 284 -31.03 -7.69 -0.75
CA ILE A 284 -30.80 -6.63 -1.71
C ILE A 284 -31.87 -6.72 -2.79
N THR A 285 -32.54 -5.61 -3.06
CA THR A 285 -33.52 -5.50 -4.13
C THR A 285 -32.95 -4.60 -5.22
N ASN A 286 -33.66 -4.53 -6.35
CA ASN A 286 -33.06 -3.95 -7.55
C ASN A 286 -33.02 -2.42 -7.54
N GLU A 287 -33.54 -1.76 -6.49
CA GLU A 287 -33.38 -0.32 -6.35
C GLU A 287 -32.10 0.08 -5.58
N GLU A 288 -31.37 -0.90 -5.02
CA GLU A 288 -30.09 -0.63 -4.35
C GLU A 288 -29.18 0.25 -5.19
N ASP A 289 -28.67 1.31 -4.58
CA ASP A 289 -27.65 2.13 -5.22
C ASP A 289 -26.28 1.44 -5.14
N VAL A 290 -25.48 1.61 -6.19
CA VAL A 290 -24.20 0.93 -6.36
C VAL A 290 -23.25 1.89 -7.05
N VAL A 291 -22.03 2.03 -6.53
CA VAL A 291 -21.04 2.86 -7.20
C VAL A 291 -20.24 1.98 -8.14
N VAL A 292 -20.33 2.27 -9.44
CA VAL A 292 -19.64 1.48 -10.45
C VAL A 292 -18.40 2.25 -10.87
N TYR A 293 -17.23 1.72 -10.48
CA TYR A 293 -15.96 2.35 -10.78
C TYR A 293 -15.45 1.99 -12.16
N ALA A 294 -15.92 0.91 -12.75
CA ALA A 294 -15.32 0.41 -14.00
C ALA A 294 -16.41 0.04 -15.02
N PRO A 295 -17.28 1.00 -15.36
CA PRO A 295 -18.34 0.67 -16.36
C PRO A 295 -17.78 0.18 -17.68
N GLU A 296 -16.73 0.81 -18.21
CA GLU A 296 -16.14 0.36 -19.46
C GLU A 296 -15.61 -1.07 -19.36
N TYR A 297 -15.01 -1.43 -18.22
CA TYR A 297 -14.54 -2.80 -18.03
C TYR A 297 -15.68 -3.80 -18.15
N LEU A 298 -16.77 -3.54 -17.44
CA LEU A 298 -17.93 -4.42 -17.52
C LEU A 298 -18.44 -4.53 -18.96
N THR A 299 -18.37 -3.44 -19.72
CA THR A 299 -18.83 -3.46 -21.11
C THR A 299 -17.92 -4.35 -21.97
N LYS A 300 -16.60 -4.16 -21.89
CA LYS A 300 -15.66 -5.01 -22.62
C LYS A 300 -15.67 -6.45 -22.15
N LEU A 301 -16.15 -6.70 -20.93
CA LEU A 301 -16.22 -8.07 -20.44
C LEU A 301 -17.19 -8.91 -21.26
N LYS A 302 -18.27 -8.30 -21.76
CA LYS A 302 -19.35 -9.07 -22.39
C LYS A 302 -18.85 -9.96 -23.51
N PRO A 303 -18.17 -9.46 -24.55
CA PRO A 303 -17.64 -10.38 -25.57
C PRO A 303 -16.55 -11.30 -25.06
N ILE A 304 -15.90 -10.97 -23.95
CA ILE A 304 -14.82 -11.84 -23.48
C ILE A 304 -15.41 -13.13 -22.91
N LEU A 305 -16.38 -12.99 -22.00
CA LEU A 305 -16.91 -14.10 -21.22
C LEU A 305 -17.85 -15.02 -21.99
N THR A 306 -18.31 -14.64 -23.19
CA THR A 306 -19.00 -15.61 -24.03
C THR A 306 -18.06 -16.63 -24.64
N LYS A 307 -16.75 -16.38 -24.65
CA LYS A 307 -15.80 -17.27 -25.30
C LYS A 307 -15.29 -18.39 -24.40
N TYR A 308 -15.68 -18.44 -23.14
CA TYR A 308 -15.02 -19.33 -22.21
C TYR A 308 -16.05 -20.19 -21.49
N SER A 309 -15.64 -21.39 -21.11
CA SER A 309 -16.55 -22.25 -20.39
C SER A 309 -16.47 -22.00 -18.89
N ALA A 310 -17.42 -22.59 -18.16
CA ALA A 310 -17.34 -22.65 -16.71
C ALA A 310 -15.99 -23.19 -16.26
N ARG A 311 -15.51 -24.24 -16.94
CA ARG A 311 -14.24 -24.86 -16.57
C ARG A 311 -13.07 -23.91 -16.79
N ASP A 312 -13.07 -23.17 -17.91
CA ASP A 312 -11.99 -22.21 -18.14
C ASP A 312 -11.98 -21.14 -17.05
N LEU A 313 -13.17 -20.60 -16.73
CA LEU A 313 -13.24 -19.55 -15.73
C LEU A 313 -12.81 -20.05 -14.37
N GLN A 314 -13.28 -21.24 -13.98
CA GLN A 314 -12.97 -21.73 -12.63
C GLN A 314 -11.49 -22.04 -12.49
N ASN A 315 -10.83 -22.46 -13.58
CA ASN A 315 -9.39 -22.67 -13.53
C ASN A 315 -8.64 -21.38 -13.20
N LEU A 316 -9.09 -20.24 -13.75
CA LEU A 316 -8.48 -18.97 -13.36
C LEU A 316 -8.87 -18.58 -11.94
N MET A 317 -10.18 -18.64 -11.64
CA MET A 317 -10.70 -18.20 -10.34
C MET A 317 -10.05 -18.95 -9.18
N SER A 318 -10.06 -20.28 -9.22
CA SER A 318 -9.43 -21.02 -8.15
C SER A 318 -7.92 -20.77 -8.08
N TRP A 319 -7.27 -20.59 -9.24
CA TRP A 319 -5.82 -20.32 -9.21
C TRP A 319 -5.51 -19.02 -8.50
N ARG A 320 -6.32 -17.99 -8.73
CA ARG A 320 -6.03 -16.70 -8.11
C ARG A 320 -6.07 -16.83 -6.60
N PHE A 321 -7.01 -17.62 -6.08
CA PHE A 321 -7.06 -17.85 -4.63
C PHE A 321 -5.90 -18.75 -4.20
N ILE A 322 -5.66 -19.85 -4.90
CA ILE A 322 -4.62 -20.79 -4.50
C ILE A 322 -3.26 -20.10 -4.45
N MET A 323 -3.01 -19.21 -5.41
CA MET A 323 -1.80 -18.40 -5.41
C MET A 323 -1.54 -17.71 -4.07
N ASP A 324 -2.60 -17.16 -3.44
CA ASP A 324 -2.48 -16.49 -2.15
C ASP A 324 -2.29 -17.44 -0.97
N LEU A 325 -2.53 -18.74 -1.15
CA LEU A 325 -2.54 -19.67 -0.03
C LEU A 325 -1.30 -20.54 0.03
N VAL A 326 -0.51 -20.57 -1.05
CA VAL A 326 0.60 -21.52 -1.14
C VAL A 326 1.62 -21.31 -0.02
N SER A 327 1.76 -20.06 0.45
CA SER A 327 2.78 -19.78 1.45
C SER A 327 2.36 -20.22 2.85
N SER A 328 1.11 -20.66 3.02
CA SER A 328 0.65 -21.21 4.27
C SER A 328 0.73 -22.73 4.31
N LEU A 329 1.28 -23.34 3.26
CA LEU A 329 1.35 -24.78 3.10
C LEU A 329 2.78 -25.25 3.36
N SER A 330 3.06 -26.51 3.02
CA SER A 330 4.34 -27.12 3.34
C SER A 330 5.46 -26.56 2.46
N ARG A 331 6.71 -26.91 2.83
CA ARG A 331 7.87 -26.40 2.12
C ARG A 331 7.87 -26.80 0.64
N THR A 332 7.37 -27.99 0.32
CA THR A 332 7.25 -28.40 -1.07
C THR A 332 6.39 -27.44 -1.87
N TYR A 333 5.31 -26.97 -1.27
CA TYR A 333 4.44 -26.03 -1.97
C TYR A 333 5.08 -24.67 -2.06
N LYS A 334 5.70 -24.22 -0.97
CA LYS A 334 6.40 -22.94 -0.98
C LYS A 334 7.51 -22.91 -2.01
N GLU A 335 8.13 -24.06 -2.29
CA GLU A 335 9.22 -24.09 -3.27
C GLU A 335 8.75 -23.67 -4.65
N SER A 336 7.50 -23.98 -4.99
CA SER A 336 6.98 -23.51 -6.27
C SER A 336 6.79 -21.99 -6.28
N ARG A 337 6.42 -21.41 -5.12
CA ARG A 337 6.24 -19.96 -5.02
C ARG A 337 7.56 -19.24 -4.98
N ASN A 338 8.53 -19.79 -4.24
CA ASN A 338 9.88 -19.25 -4.25
C ASN A 338 10.40 -19.08 -5.69
N ALA A 339 10.14 -20.06 -6.56
CA ALA A 339 10.66 -19.97 -7.93
C ALA A 339 10.04 -18.81 -8.69
N PHE A 340 8.74 -18.56 -8.48
CA PHE A 340 8.03 -17.46 -9.15
C PHE A 340 8.46 -16.11 -8.62
N ARG A 341 8.68 -16.01 -7.31
CA ARG A 341 9.12 -14.76 -6.72
C ARG A 341 10.50 -14.37 -7.23
N LYS A 342 11.39 -15.35 -7.43
CA LYS A 342 12.72 -15.03 -7.95
C LYS A 342 12.60 -14.40 -9.31
N ALA A 343 11.90 -15.11 -10.21
CA ALA A 343 11.67 -14.59 -11.54
C ALA A 343 11.00 -13.23 -11.49
N LEU A 344 10.08 -13.01 -10.55
CA LEU A 344 9.31 -11.77 -10.53
C LEU A 344 10.07 -10.65 -9.81
N TYR A 345 10.54 -10.89 -8.57
CA TYR A 345 11.08 -9.83 -7.71
C TYR A 345 12.61 -9.84 -7.61
N GLY A 346 13.27 -10.84 -8.17
CA GLY A 346 14.71 -10.95 -8.10
C GLY A 346 15.28 -11.48 -6.80
N THR A 347 14.42 -11.79 -5.81
CA THR A 347 14.91 -12.40 -4.57
C THR A 347 15.37 -13.83 -4.82
N THR A 348 16.37 -14.24 -4.07
CA THR A 348 16.90 -15.58 -4.19
C THR A 348 16.61 -16.44 -2.97
N SER A 349 15.91 -15.87 -1.98
CA SER A 349 15.64 -16.61 -0.77
C SER A 349 14.31 -16.12 -0.22
N GLU A 350 13.59 -17.06 0.38
CA GLU A 350 12.37 -16.75 1.09
C GLU A 350 12.68 -16.00 2.38
N THR A 351 11.87 -14.99 2.68
CA THR A 351 11.95 -14.29 3.96
C THR A 351 11.93 -15.26 5.14
N ALA A 352 12.73 -14.97 6.18
CA ALA A 352 12.74 -15.80 7.39
C ALA A 352 11.31 -16.04 7.88
N THR A 353 11.07 -17.26 8.34
CA THR A 353 9.70 -17.63 8.72
C THR A 353 9.19 -16.75 9.85
N TRP A 354 10.04 -16.44 10.83
CA TRP A 354 9.60 -15.65 11.96
C TRP A 354 9.26 -14.22 11.54
N ARG A 355 9.97 -13.68 10.56
CA ARG A 355 9.63 -12.35 10.06
C ARG A 355 8.30 -12.37 9.32
N ARG A 356 8.08 -13.36 8.44
CA ARG A 356 6.78 -13.42 7.76
C ARG A 356 5.65 -13.57 8.77
N CYS A 357 5.90 -14.33 9.84
CA CYS A 357 4.86 -14.61 10.82
C CYS A 357 4.57 -13.38 11.67
N ALA A 358 5.63 -12.72 12.16
CA ALA A 358 5.44 -11.47 12.88
C ALA A 358 4.63 -10.48 12.05
N ASN A 359 4.93 -10.37 10.76
CA ASN A 359 4.22 -9.38 9.95
C ASN A 359 2.79 -9.80 9.72
N TYR A 360 2.54 -11.10 9.60
CA TYR A 360 1.19 -11.60 9.43
C TYR A 360 0.35 -11.34 10.67
N VAL A 361 0.90 -11.61 11.85
CA VAL A 361 0.15 -11.32 13.07
C VAL A 361 -0.09 -9.82 13.21
N ASN A 362 0.91 -9.03 12.85
CA ASN A 362 0.75 -7.57 12.87
C ASN A 362 -0.34 -7.11 11.89
N GLY A 363 -0.40 -7.69 10.70
CA GLY A 363 -1.38 -7.26 9.72
C GLY A 363 -2.79 -7.64 10.08
N ASN A 364 -2.98 -8.71 10.85
CA ASN A 364 -4.30 -9.20 11.18
C ASN A 364 -4.75 -8.83 12.60
N MET A 365 -3.83 -8.54 13.51
CA MET A 365 -4.17 -8.11 14.88
C MET A 365 -3.43 -6.82 15.19
N GLU A 366 -3.70 -5.80 14.36
CA GLU A 366 -2.89 -4.60 14.37
C GLU A 366 -2.94 -3.89 15.71
N ASN A 367 -4.08 -3.98 16.43
CA ASN A 367 -4.17 -3.27 17.70
C ASN A 367 -3.52 -4.04 18.83
N ALA A 368 -3.71 -5.36 18.86
CA ALA A 368 -3.00 -6.16 19.85
C ALA A 368 -1.49 -6.09 19.66
N VAL A 369 -1.01 -6.25 18.43
CA VAL A 369 0.43 -6.17 18.22
C VAL A 369 0.89 -4.73 18.49
N GLY A 370 0.03 -3.74 18.20
CA GLY A 370 0.41 -2.35 18.43
C GLY A 370 0.61 -2.05 19.90
N ARG A 371 -0.25 -2.61 20.74
CA ARG A 371 -0.10 -2.47 22.18
C ARG A 371 1.25 -3.03 22.66
N LEU A 372 1.60 -4.24 22.22
CA LEU A 372 2.87 -4.83 22.62
C LEU A 372 4.07 -4.02 22.12
N TYR A 373 3.95 -3.51 20.88
CA TYR A 373 5.00 -2.71 20.29
C TYR A 373 5.23 -1.42 21.04
N VAL A 374 4.18 -0.66 21.30
CA VAL A 374 4.40 0.63 21.94
C VAL A 374 4.86 0.45 23.39
N GLU A 375 4.42 -0.61 24.05
CA GLU A 375 4.88 -0.80 25.42
C GLU A 375 6.34 -1.18 25.47
N ALA A 376 6.85 -1.81 24.42
CA ALA A 376 8.27 -2.17 24.40
C ALA A 376 9.15 -1.08 23.78
N ALA A 377 8.64 -0.26 22.86
CA ALA A 377 9.54 0.48 21.99
C ALA A 377 9.23 1.97 21.83
N PHE A 378 8.12 2.48 22.36
CA PHE A 378 7.68 3.83 22.07
C PHE A 378 7.66 4.68 23.34
N ALA A 379 8.26 5.86 23.26
CA ALA A 379 8.40 6.72 24.44
C ALA A 379 7.04 7.05 25.04
N GLY A 380 6.20 7.75 24.27
CA GLY A 380 4.94 8.21 24.82
C GLY A 380 4.85 9.71 24.99
N GLU A 381 5.82 10.31 25.70
CA GLU A 381 5.89 11.77 25.77
C GLU A 381 6.13 12.41 24.40
N SER A 382 6.79 11.69 23.49
CA SER A 382 6.99 12.22 22.14
C SER A 382 5.68 12.43 21.39
N LYS A 383 4.61 11.74 21.80
CA LYS A 383 3.31 12.00 21.20
C LYS A 383 2.99 13.50 21.19
N HIS A 384 3.27 14.19 22.30
CA HIS A 384 3.00 15.62 22.41
C HIS A 384 3.98 16.48 21.62
N VAL A 385 5.24 16.08 21.50
CA VAL A 385 6.16 16.88 20.69
C VAL A 385 5.70 16.87 19.24
N VAL A 386 5.32 15.68 18.74
CA VAL A 386 4.83 15.57 17.37
C VAL A 386 3.54 16.37 17.18
N GLU A 387 2.62 16.28 18.14
CA GLU A 387 1.42 17.12 18.13
C GLU A 387 1.76 18.56 17.79
N ASP A 388 2.74 19.12 18.50
CA ASP A 388 3.11 20.52 18.32
C ASP A 388 3.74 20.78 16.94
N LEU A 389 4.52 19.83 16.42
CA LEU A 389 5.09 20.06 15.09
C LEU A 389 4.02 20.04 14.02
N ILE A 390 3.01 19.19 14.18
CA ILE A 390 1.89 19.19 13.25
C ILE A 390 1.16 20.52 13.32
N ALA A 391 0.97 21.04 14.53
CA ALA A 391 0.35 22.34 14.69
C ALA A 391 1.09 23.39 13.88
N GLN A 392 2.43 23.39 13.97
CA GLN A 392 3.22 24.39 13.27
C GLN A 392 3.12 24.23 11.77
N ILE A 393 3.16 22.99 11.28
CA ILE A 393 3.17 22.81 9.82
C ILE A 393 1.80 23.06 9.24
N ARG A 394 0.74 22.64 9.91
CA ARG A 394 -0.62 22.98 9.45
C ARG A 394 -0.77 24.47 9.28
N GLU A 395 -0.27 25.24 10.24
CA GLU A 395 -0.35 26.69 10.16
C GLU A 395 0.48 27.23 9.01
N VAL A 396 1.66 26.63 8.77
CA VAL A 396 2.46 27.04 7.62
C VAL A 396 1.71 26.79 6.32
N PHE A 397 0.96 25.69 6.26
CA PHE A 397 0.17 25.44 5.05
C PHE A 397 -0.84 26.56 4.82
N ILE A 398 -1.54 26.98 5.88
CA ILE A 398 -2.60 27.97 5.73
C ILE A 398 -2.01 29.33 5.35
N GLN A 399 -0.92 29.73 6.01
CA GLN A 399 -0.27 31.01 5.69
C GLN A 399 0.19 31.06 4.24
N THR A 400 0.77 29.95 3.74
CA THR A 400 1.24 29.90 2.36
C THR A 400 0.13 30.15 1.35
N LEU A 401 -1.11 29.84 1.70
CA LEU A 401 -2.23 30.12 0.80
C LEU A 401 -2.20 31.57 0.31
N ASP A 402 -1.97 32.51 1.23
CA ASP A 402 -1.98 33.93 0.86
C ASP A 402 -1.02 34.20 -0.28
N ASP A 403 0.16 33.58 -0.26
CA ASP A 403 1.22 33.88 -1.23
C ASP A 403 1.06 33.18 -2.56
N LEU A 404 0.14 32.22 -2.67
CA LEU A 404 -0.04 31.51 -3.93
C LEU A 404 -0.81 32.40 -4.91
N THR A 405 -0.26 32.52 -6.11
CA THR A 405 -0.82 33.45 -7.10
C THR A 405 -1.76 32.79 -8.08
N TRP A 406 -1.88 31.46 -8.06
CA TRP A 406 -2.69 30.75 -9.03
C TRP A 406 -4.04 30.30 -8.46
N MET A 407 -4.40 30.72 -7.24
CA MET A 407 -5.74 30.51 -6.74
C MET A 407 -6.43 31.86 -6.50
N ASP A 408 -7.74 31.85 -6.70
CA ASP A 408 -8.58 32.98 -6.33
C ASP A 408 -9.01 32.86 -4.87
N ALA A 409 -9.67 33.92 -4.39
CA ALA A 409 -9.89 34.09 -2.95
C ALA A 409 -10.90 33.08 -2.43
N GLU A 410 -12.02 32.87 -3.15
CA GLU A 410 -13.00 31.91 -2.69
C GLU A 410 -12.37 30.51 -2.53
N THR A 411 -11.52 30.11 -3.47
CA THR A 411 -10.90 28.79 -3.38
C THR A 411 -9.89 28.71 -2.23
N LYS A 412 -9.09 29.77 -2.03
CA LYS A 412 -8.19 29.79 -0.87
C LYS A 412 -8.95 29.66 0.44
N LYS A 413 -10.11 30.31 0.53
CA LYS A 413 -10.91 30.23 1.75
C LYS A 413 -11.43 28.82 1.99
N ARG A 414 -11.83 28.13 0.93
CA ARG A 414 -12.26 26.75 1.08
C ARG A 414 -11.08 25.84 1.40
N ALA A 415 -9.90 26.13 0.83
CA ALA A 415 -8.71 25.35 1.14
C ALA A 415 -8.34 25.50 2.62
N GLU A 416 -8.41 26.72 3.14
CA GLU A 416 -8.14 26.95 4.55
C GLU A 416 -9.15 26.21 5.44
N GLU A 417 -10.42 26.19 5.03
CA GLU A 417 -11.45 25.45 5.78
C GLU A 417 -11.12 23.97 5.88
N LYS A 418 -10.69 23.38 4.76
CA LYS A 418 -10.36 21.95 4.76
C LYS A 418 -9.13 21.68 5.63
N ALA A 419 -8.09 22.53 5.51
CA ALA A 419 -6.87 22.35 6.28
C ALA A 419 -7.13 22.45 7.77
N LEU A 420 -7.97 23.40 8.18
CA LEU A 420 -8.31 23.51 9.59
C LEU A 420 -9.06 22.28 10.09
N ALA A 421 -9.77 21.58 9.20
CA ALA A 421 -10.56 20.43 9.62
C ALA A 421 -9.76 19.14 9.74
N ILE A 422 -8.53 19.08 9.21
CA ILE A 422 -7.77 17.82 9.22
C ILE A 422 -7.65 17.29 10.63
N LYS A 423 -8.11 16.06 10.85
CA LYS A 423 -7.90 15.36 12.11
C LYS A 423 -6.51 14.69 12.08
N GLU A 424 -5.84 14.68 13.21
CA GLU A 424 -4.50 14.10 13.29
C GLU A 424 -4.53 12.95 14.28
N ARG A 425 -3.80 11.87 13.96
CA ARG A 425 -3.69 10.70 14.82
C ARG A 425 -2.20 10.38 14.98
N ILE A 426 -1.72 10.39 16.22
CA ILE A 426 -0.28 10.38 16.49
C ILE A 426 0.06 9.19 17.36
N GLY A 427 0.95 8.33 16.86
CA GLY A 427 1.49 7.26 17.70
C GLY A 427 0.65 6.01 17.81
N TYR A 428 -0.36 6.03 18.68
CA TYR A 428 -1.25 4.88 18.85
C TYR A 428 -2.53 5.33 19.54
N PRO A 429 -3.64 4.64 19.34
CA PRO A 429 -4.88 4.98 20.07
C PRO A 429 -4.70 4.58 21.52
N ASP A 430 -4.87 5.54 22.43
CA ASP A 430 -4.56 5.28 23.82
C ASP A 430 -5.27 4.04 24.36
N ASP A 431 -6.51 3.78 23.91
CA ASP A 431 -7.27 2.69 24.51
C ASP A 431 -6.75 1.30 24.15
N ILE A 432 -5.83 1.15 23.17
CA ILE A 432 -5.28 -0.20 22.97
C ILE A 432 -4.42 -0.60 24.17
N VAL A 433 -3.97 0.37 24.96
CA VAL A 433 -3.17 0.08 26.14
C VAL A 433 -4.02 0.09 27.41
N SER A 434 -4.99 1.00 27.51
CA SER A 434 -5.75 1.14 28.75
C SER A 434 -7.12 0.46 28.75
N ASN A 435 -7.66 0.06 27.61
CA ASN A 435 -9.00 -0.53 27.57
C ASN A 435 -8.92 -1.99 27.14
N ASP A 436 -8.66 -2.87 28.11
CA ASP A 436 -8.55 -4.30 27.83
C ASP A 436 -9.84 -4.88 27.26
N ASN A 437 -11.00 -4.38 27.71
CA ASN A 437 -12.28 -4.92 27.26
C ASN A 437 -12.48 -4.69 25.76
N LYS A 438 -12.27 -3.46 25.32
CA LYS A 438 -12.39 -3.13 23.90
C LYS A 438 -11.43 -3.96 23.05
N LEU A 439 -10.20 -4.13 23.53
CA LEU A 439 -9.20 -4.85 22.74
C LEU A 439 -9.56 -6.32 22.64
N ASN A 440 -9.94 -6.94 23.78
CA ASN A 440 -10.39 -8.32 23.73
C ASN A 440 -11.59 -8.47 22.79
N ASN A 441 -12.49 -7.49 22.77
CA ASN A 441 -13.73 -7.69 22.03
C ASN A 441 -13.50 -7.59 20.52
N GLU A 442 -12.47 -6.86 20.12
CA GLU A 442 -12.10 -6.83 18.70
C GLU A 442 -11.76 -8.22 18.17
N TYR A 443 -11.24 -9.11 19.01
CA TYR A 443 -10.84 -10.43 18.55
C TYR A 443 -11.65 -11.54 19.19
N LEU A 444 -12.80 -11.20 19.78
CA LEU A 444 -13.58 -12.16 20.55
C LEU A 444 -13.98 -13.38 19.71
N GLU A 445 -14.36 -13.16 18.46
CA GLU A 445 -14.86 -14.25 17.64
C GLU A 445 -13.76 -15.07 16.99
N LEU A 446 -12.50 -14.79 17.30
CA LEU A 446 -11.38 -15.53 16.76
C LEU A 446 -10.91 -16.52 17.83
N ASN A 447 -10.63 -17.75 17.40
CA ASN A 447 -10.00 -18.72 18.29
C ASN A 447 -9.04 -19.56 17.49
N TYR A 448 -7.77 -19.49 17.85
CA TYR A 448 -6.69 -20.08 17.09
C TYR A 448 -6.27 -21.40 17.70
N LYS A 449 -5.95 -22.38 16.85
CA LYS A 449 -5.36 -23.64 17.28
C LYS A 449 -3.88 -23.63 16.90
N GLU A 450 -3.02 -24.00 17.84
CA GLU A 450 -1.59 -23.78 17.62
C GLU A 450 -0.99 -24.75 16.60
N ASP A 451 -1.67 -25.84 16.30
CA ASP A 451 -1.21 -26.76 15.27
C ASP A 451 -2.01 -26.64 13.98
N GLU A 452 -2.73 -25.53 13.78
CA GLU A 452 -3.65 -25.39 12.66
C GLU A 452 -3.48 -24.05 11.98
N TYR A 453 -2.23 -23.73 11.58
CA TYR A 453 -1.96 -22.44 10.94
C TYR A 453 -2.92 -22.17 9.78
N PHE A 454 -3.07 -23.14 8.86
CA PHE A 454 -3.94 -22.95 7.72
C PHE A 454 -5.37 -22.65 8.15
N GLU A 455 -5.90 -23.42 9.13
CA GLU A 455 -7.25 -23.12 9.60
C GLU A 455 -7.32 -21.72 10.18
N ASN A 456 -6.27 -21.29 10.85
CA ASN A 456 -6.25 -19.98 11.45
C ASN A 456 -6.29 -18.89 10.37
N ILE A 457 -5.56 -19.07 9.27
CA ILE A 457 -5.54 -18.00 8.27
C ILE A 457 -6.87 -17.94 7.54
N ILE A 458 -7.52 -19.08 7.36
CA ILE A 458 -8.84 -19.10 6.71
C ILE A 458 -9.86 -18.43 7.60
N GLN A 459 -9.74 -18.64 8.92
CA GLN A 459 -10.63 -17.96 9.87
C GLN A 459 -10.47 -16.44 9.76
N ASN A 460 -9.24 -15.94 9.66
CA ASN A 460 -9.02 -14.49 9.51
C ASN A 460 -9.64 -13.98 8.23
N LEU A 461 -9.54 -14.76 7.15
CA LEU A 461 -10.15 -14.35 5.89
C LEU A 461 -11.66 -14.23 6.04
N LYS A 462 -12.32 -15.28 6.54
CA LYS A 462 -13.76 -15.27 6.74
C LYS A 462 -14.19 -14.13 7.65
N PHE A 463 -13.52 -14.01 8.79
CA PHE A 463 -13.91 -13.03 9.79
C PHE A 463 -13.79 -11.61 9.24
N SER A 464 -12.73 -11.33 8.52
CA SER A 464 -12.53 -9.98 8.00
C SER A 464 -13.55 -9.64 6.91
N GLN A 465 -13.83 -10.60 6.01
CA GLN A 465 -14.76 -10.31 4.94
C GLN A 465 -16.18 -10.14 5.46
N SER A 466 -16.61 -11.03 6.34
CA SER A 466 -17.94 -10.90 6.92
C SER A 466 -18.09 -9.56 7.64
N LYS A 467 -17.06 -9.12 8.36
CA LYS A 467 -17.12 -7.82 9.05
C LYS A 467 -17.27 -6.67 8.07
N GLN A 468 -16.58 -6.76 6.93
CA GLN A 468 -16.65 -5.70 5.93
C GLN A 468 -18.03 -5.65 5.29
N LEU A 469 -18.58 -6.81 4.94
CA LEU A 469 -19.88 -6.87 4.30
C LEU A 469 -20.96 -6.30 5.21
N LYS A 470 -20.83 -6.54 6.50
CA LYS A 470 -21.77 -6.11 7.50
C LYS A 470 -21.77 -4.61 7.69
N LYS A 471 -20.85 -3.87 7.06
CA LYS A 471 -20.85 -2.42 7.24
C LYS A 471 -21.79 -1.69 6.30
N LEU A 472 -22.42 -2.40 5.36
CA LEU A 472 -23.22 -1.79 4.32
C LEU A 472 -24.27 -0.86 4.90
N ARG A 473 -24.97 -1.29 5.96
CA ARG A 473 -26.02 -0.47 6.54
C ARG A 473 -25.58 0.28 7.79
N GLU A 474 -24.28 0.34 8.06
CA GLU A 474 -23.76 0.99 9.26
C GLU A 474 -23.04 2.30 8.91
N LYS A 475 -22.89 3.16 9.91
CA LYS A 475 -22.16 4.40 9.67
C LYS A 475 -20.66 4.14 9.82
N VAL A 476 -19.87 5.04 9.27
CA VAL A 476 -18.43 4.94 9.42
C VAL A 476 -18.05 5.28 10.84
N ASP A 477 -17.21 4.46 11.44
CA ASP A 477 -16.69 4.74 12.78
C ASP A 477 -15.64 5.85 12.67
N LYS A 478 -15.95 7.03 13.21
CA LYS A 478 -14.96 8.12 13.14
C LYS A 478 -13.79 7.93 14.10
N ASP A 479 -13.95 7.07 15.12
CA ASP A 479 -12.88 6.81 16.08
C ASP A 479 -11.82 5.86 15.57
N GLU A 480 -12.04 5.20 14.44
CA GLU A 480 -11.15 4.14 13.99
C GLU A 480 -9.88 4.71 13.36
N TRP A 481 -8.75 4.06 13.64
CA TRP A 481 -7.47 4.45 13.05
C TRP A 481 -7.30 3.70 11.74
N ILE A 482 -6.72 4.38 10.75
CA ILE A 482 -6.53 3.76 9.44
C ILE A 482 -5.22 2.97 9.36
N SER A 483 -4.45 2.85 10.45
CA SER A 483 -3.24 2.03 10.50
C SER A 483 -2.98 1.58 11.92
N GLY A 484 -2.40 0.40 12.07
CA GLY A 484 -1.84 0.01 13.34
C GLY A 484 -0.63 0.86 13.71
N ALA A 485 -0.22 0.75 14.99
CA ALA A 485 0.86 1.56 15.48
C ALA A 485 2.23 1.01 15.06
N ALA A 486 2.34 -0.30 14.84
CA ALA A 486 3.65 -0.91 14.63
C ALA A 486 3.94 -0.90 13.13
N VAL A 487 4.07 0.31 12.58
CA VAL A 487 4.11 0.52 11.13
C VAL A 487 5.10 1.63 10.86
N VAL A 488 6.04 1.40 9.95
CA VAL A 488 7.01 2.45 9.56
C VAL A 488 6.44 3.11 8.31
N ASN A 489 5.45 3.98 8.52
CA ASN A 489 4.81 4.66 7.40
C ASN A 489 3.95 5.77 7.97
N ALA A 490 3.42 6.60 7.10
CA ALA A 490 2.49 7.65 7.49
C ALA A 490 1.44 7.72 6.40
N PHE A 491 0.25 8.23 6.73
CA PHE A 491 -0.88 8.09 5.82
C PHE A 491 -1.77 9.34 5.84
N TYR A 492 -2.51 9.53 4.72
CA TYR A 492 -3.61 10.49 4.65
C TYR A 492 -4.85 9.79 4.12
N SER A 493 -5.99 10.00 4.79
CA SER A 493 -7.27 9.43 4.36
C SER A 493 -8.15 10.54 3.82
N SER A 494 -8.41 10.53 2.52
CA SER A 494 -9.27 11.58 1.98
C SER A 494 -10.71 11.46 2.49
N GLY A 495 -11.16 10.24 2.80
CA GLY A 495 -12.54 10.06 3.21
C GLY A 495 -12.77 10.55 4.61
N ARG A 496 -11.77 10.41 5.47
CA ARG A 496 -11.85 10.90 6.83
C ARG A 496 -11.19 12.25 7.01
N ASN A 497 -10.51 12.76 5.97
CA ASN A 497 -9.70 13.97 6.06
C ASN A 497 -8.80 13.95 7.30
N GLN A 498 -7.93 12.94 7.34
CA GLN A 498 -7.17 12.61 8.55
C GLN A 498 -5.74 12.21 8.20
N ILE A 499 -4.77 12.75 8.94
CA ILE A 499 -3.35 12.38 8.81
C ILE A 499 -2.96 11.49 9.99
N VAL A 500 -2.17 10.45 9.72
CA VAL A 500 -1.83 9.44 10.72
C VAL A 500 -0.32 9.21 10.68
N PHE A 501 0.29 9.25 11.87
CA PHE A 501 1.72 9.07 12.08
C PHE A 501 1.89 7.96 13.12
N PRO A 502 1.87 6.70 12.68
CA PRO A 502 2.07 5.58 13.60
C PRO A 502 3.41 5.70 14.32
N ALA A 503 3.45 5.13 15.51
CA ALA A 503 4.66 5.13 16.34
C ALA A 503 5.88 4.59 15.59
N GLY A 504 5.71 3.61 14.71
CA GLY A 504 6.84 3.05 13.97
C GLY A 504 7.65 4.08 13.18
N ILE A 505 7.02 5.20 12.75
CA ILE A 505 7.76 6.22 12.00
C ILE A 505 8.30 7.33 12.89
N LEU A 506 7.91 7.37 14.16
CA LEU A 506 8.34 8.43 15.07
C LEU A 506 9.62 8.02 15.81
N GLN A 507 10.68 7.81 15.04
CA GLN A 507 11.99 7.42 15.55
C GLN A 507 13.04 7.93 14.57
N PRO A 508 14.32 7.92 14.96
CA PRO A 508 15.36 8.35 14.01
C PRO A 508 15.32 7.50 12.77
N PRO A 509 15.61 8.08 11.61
CA PRO A 509 16.07 9.46 11.44
C PRO A 509 14.94 10.51 11.33
N PHE A 510 13.68 10.05 11.23
CA PHE A 510 12.58 11.01 11.14
C PHE A 510 12.50 11.89 12.37
N PHE A 511 12.54 11.28 13.55
CA PHE A 511 12.18 12.05 14.73
C PHE A 511 12.84 11.48 15.98
N SER A 512 13.36 12.38 16.80
CA SER A 512 13.66 12.07 18.18
C SER A 512 13.52 13.36 18.97
N ALA A 513 12.96 13.27 20.17
CA ALA A 513 12.82 14.50 20.95
C ALA A 513 14.17 15.07 21.38
N GLN A 514 15.26 14.31 21.23
CA GLN A 514 16.57 14.76 21.64
C GLN A 514 17.50 15.06 20.48
N GLN A 515 17.06 14.86 19.23
CA GLN A 515 17.95 15.19 18.12
C GLN A 515 17.69 16.63 17.67
N SER A 516 18.59 17.16 16.87
CA SER A 516 18.46 18.57 16.49
C SER A 516 17.15 18.79 15.73
N ASN A 517 16.58 19.98 15.95
CA ASN A 517 15.32 20.31 15.29
C ASN A 517 15.47 20.35 13.79
N SER A 518 16.64 20.74 13.28
CA SER A 518 16.86 20.73 11.84
C SER A 518 16.61 19.33 11.28
N LEU A 519 17.03 18.30 12.01
CA LEU A 519 16.77 16.93 11.58
C LEU A 519 15.28 16.58 11.71
N ASN A 520 14.65 16.92 12.83
CA ASN A 520 13.24 16.59 12.97
C ASN A 520 12.42 17.23 11.86
N TYR A 521 12.69 18.50 11.53
CA TYR A 521 11.85 19.15 10.52
C TYR A 521 12.14 18.56 9.15
N GLY A 522 13.40 18.22 8.88
CA GLY A 522 13.74 17.64 7.59
C GLY A 522 13.24 16.23 7.46
N GLY A 523 12.94 15.59 8.57
CA GLY A 523 12.52 14.20 8.62
C GLY A 523 11.03 14.13 8.79
N ILE A 524 10.57 14.11 10.04
CA ILE A 524 9.15 13.93 10.30
C ILE A 524 8.36 15.19 9.87
N GLY A 525 8.96 16.39 9.94
CA GLY A 525 8.27 17.57 9.47
C GLY A 525 7.88 17.47 8.00
N MET A 526 8.82 17.07 7.15
CA MET A 526 8.56 16.88 5.74
C MET A 526 7.50 15.80 5.52
N VAL A 527 7.53 14.74 6.34
CA VAL A 527 6.49 13.72 6.27
C VAL A 527 5.15 14.32 6.67
N ILE A 528 5.13 15.13 7.72
CA ILE A 528 3.87 15.78 8.13
C ILE A 528 3.32 16.65 7.01
N GLY A 529 4.18 17.46 6.39
CA GLY A 529 3.72 18.26 5.27
C GLY A 529 3.30 17.41 4.08
N HIS A 530 3.99 16.28 3.86
CA HIS A 530 3.60 15.36 2.80
C HIS A 530 2.18 14.87 2.99
N GLU A 531 1.85 14.41 4.22
CA GLU A 531 0.52 13.88 4.44
C GLU A 531 -0.54 14.97 4.36
N ILE A 532 -0.27 16.15 4.93
CA ILE A 532 -1.21 17.26 4.80
C ILE A 532 -1.44 17.60 3.33
N THR A 533 -0.36 17.70 2.56
CA THR A 533 -0.47 18.06 1.15
C THR A 533 -1.25 17.03 0.35
N HIS A 534 -1.36 15.78 0.86
CA HIS A 534 -2.21 14.79 0.18
C HIS A 534 -3.67 15.21 0.16
N GLY A 535 -4.13 15.94 1.18
CA GLY A 535 -5.49 16.47 1.14
C GLY A 535 -5.73 17.44 0.01
N PHE A 536 -4.67 17.82 -0.69
CA PHE A 536 -4.74 18.87 -1.70
C PHE A 536 -4.02 18.47 -2.99
N ASP A 537 -3.81 17.16 -3.20
CA ASP A 537 -3.14 16.74 -4.44
C ASP A 537 -4.20 16.41 -5.49
N ASP A 538 -3.78 15.80 -6.61
CA ASP A 538 -4.71 15.61 -7.72
C ASP A 538 -5.86 14.68 -7.37
N ASN A 539 -5.77 13.92 -6.27
CA ASN A 539 -6.93 13.21 -5.76
C ASN A 539 -7.58 13.94 -4.59
N GLY A 540 -6.80 14.24 -3.54
CA GLY A 540 -7.37 14.83 -2.33
C GLY A 540 -8.06 16.17 -2.52
N ARG A 541 -7.63 16.97 -3.51
CA ARG A 541 -8.25 18.28 -3.71
C ARG A 541 -9.73 18.17 -4.05
N ASN A 542 -10.16 17.01 -4.54
CA ASN A 542 -11.53 16.75 -4.91
C ASN A 542 -12.45 16.46 -3.73
N PHE A 543 -11.93 16.38 -2.51
CA PHE A 543 -12.72 16.02 -1.35
C PHE A 543 -12.74 17.20 -0.39
N ASN A 544 -13.89 17.46 0.23
CA ASN A 544 -14.01 18.63 1.11
C ASN A 544 -13.60 18.29 2.52
N LYS A 545 -13.91 19.21 3.46
CA LYS A 545 -13.44 19.13 4.83
C LYS A 545 -14.01 17.93 5.56
N ASP A 546 -15.15 17.42 5.13
CA ASP A 546 -15.79 16.28 5.75
C ASP A 546 -15.48 14.98 5.02
N GLY A 547 -14.60 15.01 4.01
CA GLY A 547 -14.26 13.82 3.26
C GLY A 547 -15.22 13.45 2.15
N ASP A 548 -16.13 14.34 1.77
CA ASP A 548 -17.05 14.08 0.68
C ASP A 548 -16.48 14.62 -0.63
N LEU A 549 -16.67 13.83 -1.68
CA LEU A 549 -16.29 14.19 -3.04
C LEU A 549 -17.22 15.30 -3.54
N VAL A 550 -16.79 16.55 -3.42
CA VAL A 550 -17.57 17.71 -3.84
C VAL A 550 -16.57 18.75 -4.35
N ASP A 551 -16.94 19.40 -5.45
CA ASP A 551 -16.09 20.39 -6.08
C ASP A 551 -16.14 21.69 -5.28
N TRP A 552 -15.04 22.04 -4.63
CA TRP A 552 -14.92 23.33 -3.97
C TRP A 552 -13.93 24.25 -4.66
N TRP A 553 -13.56 23.94 -5.91
CA TRP A 553 -12.64 24.77 -6.68
C TRP A 553 -13.43 25.58 -7.70
N THR A 554 -13.07 26.85 -7.87
CA THR A 554 -13.56 27.55 -9.06
C THR A 554 -12.93 26.94 -10.31
N GLN A 555 -13.61 27.15 -11.45
CA GLN A 555 -13.12 26.63 -12.73
C GLN A 555 -11.71 27.11 -13.00
N GLN A 556 -11.44 28.39 -12.75
CA GLN A 556 -10.11 28.90 -13.08
C GLN A 556 -9.05 28.28 -12.16
N SER A 557 -9.34 28.21 -10.85
CA SER A 557 -8.34 27.68 -9.92
C SER A 557 -8.06 26.21 -10.19
N ALA A 558 -9.11 25.43 -10.46
CA ALA A 558 -8.93 24.03 -10.83
C ALA A 558 -8.09 23.89 -12.09
N SER A 559 -8.39 24.72 -13.09
CA SER A 559 -7.57 24.73 -14.30
C SER A 559 -6.14 25.09 -13.97
N ASN A 560 -5.93 25.99 -13.01
CA ASN A 560 -4.56 26.41 -12.71
C ASN A 560 -3.82 25.34 -11.92
N PHE A 561 -4.52 24.67 -11.00
CA PHE A 561 -3.95 23.49 -10.37
C PHE A 561 -3.36 22.56 -11.42
N LYS A 562 -4.15 22.24 -12.44
CA LYS A 562 -3.67 21.33 -13.48
C LYS A 562 -2.45 21.88 -14.19
N GLU A 563 -2.46 23.18 -14.49
CA GLU A 563 -1.30 23.83 -15.11
C GLU A 563 -0.06 23.70 -14.25
N GLN A 564 -0.17 24.08 -12.96
CA GLN A 564 1.00 24.03 -12.07
C GLN A 564 1.51 22.59 -11.92
N SER A 565 0.59 21.64 -11.72
CA SER A 565 1.02 20.26 -11.49
C SER A 565 1.51 19.58 -12.78
N GLN A 566 1.05 20.02 -13.96
CA GLN A 566 1.61 19.49 -15.21
C GLN A 566 3.12 19.65 -15.28
N CYS A 567 3.66 20.71 -14.67
CA CYS A 567 5.10 20.89 -14.65
C CYS A 567 5.81 19.66 -14.07
N MET A 568 5.27 19.12 -12.98
CA MET A 568 5.89 17.97 -12.33
C MET A 568 5.65 16.70 -13.12
N VAL A 569 4.55 16.64 -13.88
CA VAL A 569 4.32 15.48 -14.72
C VAL A 569 5.45 15.34 -15.72
N TYR A 570 5.77 16.44 -16.41
CA TYR A 570 6.89 16.44 -17.36
C TYR A 570 8.21 16.20 -16.64
N GLN A 571 8.42 16.86 -15.50
CA GLN A 571 9.70 16.77 -14.82
C GLN A 571 10.05 15.32 -14.49
N TYR A 572 9.16 14.65 -13.76
CA TYR A 572 9.50 13.29 -13.33
C TYR A 572 9.38 12.27 -14.47
N GLY A 573 8.43 12.48 -15.39
CA GLY A 573 8.32 11.65 -16.57
C GLY A 573 9.56 11.71 -17.46
N ASN A 574 10.37 12.74 -17.31
CA ASN A 574 11.64 12.86 -18.01
C ASN A 574 12.81 12.15 -17.30
N PHE A 575 12.63 11.68 -16.05
CA PHE A 575 13.71 10.96 -15.39
C PHE A 575 13.84 9.56 -15.98
N SER A 576 15.07 9.19 -16.34
CA SER A 576 15.40 7.84 -16.79
C SER A 576 16.05 7.08 -15.64
N TRP A 577 15.54 5.88 -15.36
CA TRP A 577 16.02 5.05 -14.25
C TRP A 577 16.91 3.93 -14.77
N ASP A 578 18.21 4.03 -14.48
CA ASP A 578 19.14 3.00 -14.91
C ASP A 578 18.76 1.63 -14.34
N LEU A 579 18.44 1.55 -13.05
CA LEU A 579 18.06 0.27 -12.43
C LEU A 579 16.92 -0.42 -13.18
N ALA A 580 16.07 0.35 -13.87
CA ALA A 580 14.98 -0.20 -14.67
C ALA A 580 15.34 -0.25 -16.14
N GLY A 581 16.63 -0.22 -16.45
CA GLY A 581 17.08 -0.32 -17.83
C GLY A 581 16.79 0.92 -18.65
N GLY A 582 16.77 2.09 -18.03
CA GLY A 582 16.56 3.34 -18.72
C GLY A 582 15.12 3.74 -18.90
N GLN A 583 14.16 2.89 -18.53
CA GLN A 583 12.77 3.24 -18.67
C GLN A 583 12.45 4.50 -17.86
N HIS A 584 11.44 5.24 -18.31
CA HIS A 584 11.11 6.52 -17.70
C HIS A 584 10.08 6.33 -16.58
N LEU A 585 10.18 7.17 -15.55
CA LEU A 585 9.13 7.18 -14.54
C LEU A 585 7.81 7.58 -15.17
N ASN A 586 6.72 7.07 -14.62
CA ASN A 586 5.40 7.54 -14.99
C ASN A 586 5.10 8.83 -14.23
N GLY A 587 5.15 9.96 -14.92
CA GLY A 587 4.93 11.24 -14.27
C GLY A 587 3.48 11.48 -13.89
N ILE A 588 2.54 10.75 -14.50
CA ILE A 588 1.13 10.90 -14.15
C ILE A 588 0.79 10.08 -12.91
N ASN A 589 1.17 8.79 -12.89
CA ASN A 589 0.84 7.90 -11.76
C ASN A 589 1.55 8.29 -10.48
N THR A 590 2.68 8.98 -10.56
CA THR A 590 3.40 9.44 -9.37
C THR A 590 3.15 10.92 -9.04
N LEU A 591 2.30 11.61 -9.81
CA LEU A 591 2.10 13.05 -9.60
C LEU A 591 1.64 13.37 -8.18
N GLY A 592 0.61 12.66 -7.67
CA GLY A 592 0.14 12.94 -6.31
C GLY A 592 1.25 12.87 -5.26
N GLU A 593 2.04 11.78 -5.30
CA GLU A 593 3.13 11.65 -4.34
C GLU A 593 4.19 12.71 -4.55
N ASN A 594 4.47 13.05 -5.81
CA ASN A 594 5.45 14.09 -6.09
C ASN A 594 4.96 15.45 -5.61
N ILE A 595 3.67 15.73 -5.78
CA ILE A 595 3.09 16.97 -5.25
C ILE A 595 3.25 17.01 -3.74
N ALA A 596 2.96 15.90 -3.08
CA ALA A 596 3.10 15.81 -1.63
C ALA A 596 4.55 16.01 -1.21
N ASP A 597 5.49 15.47 -1.98
CA ASP A 597 6.90 15.59 -1.61
C ASP A 597 7.35 17.05 -1.69
N ASN A 598 7.03 17.71 -2.81
CA ASN A 598 7.46 19.08 -3.05
C ASN A 598 6.76 20.06 -2.13
N GLY A 599 5.44 19.91 -1.97
CA GLY A 599 4.74 20.73 -0.99
C GLY A 599 5.23 20.48 0.43
N GLY A 600 5.35 19.21 0.81
CA GLY A 600 5.71 18.89 2.19
C GLY A 600 7.10 19.39 2.58
N LEU A 601 8.06 19.31 1.67
CA LEU A 601 9.39 19.77 2.03
C LEU A 601 9.41 21.28 2.26
N GLY A 602 8.74 22.04 1.39
CA GLY A 602 8.67 23.48 1.55
C GLY A 602 7.97 23.89 2.83
N GLN A 603 6.86 23.24 3.15
CA GLN A 603 6.18 23.57 4.41
C GLN A 603 7.07 23.30 5.61
N ALA A 604 7.80 22.19 5.58
CA ALA A 604 8.66 21.84 6.70
C ALA A 604 9.81 22.83 6.84
N TYR A 605 10.42 23.20 5.73
CA TYR A 605 11.51 24.18 5.74
C TYR A 605 11.04 25.52 6.30
N ARG A 606 9.89 26.02 5.83
CA ARG A 606 9.41 27.31 6.33
C ARG A 606 9.09 27.23 7.82
N ALA A 607 8.47 26.12 8.27
CA ALA A 607 8.29 25.89 9.70
C ALA A 607 9.61 25.93 10.46
N TYR A 608 10.66 25.34 9.89
CA TYR A 608 11.95 25.37 10.57
C TYR A 608 12.52 26.80 10.65
N GLN A 609 12.39 27.58 9.58
CA GLN A 609 12.83 28.98 9.65
C GLN A 609 12.04 29.75 10.69
N ASN A 610 10.73 29.60 10.72
CA ASN A 610 9.94 30.14 11.83
C ASN A 610 10.52 29.73 13.17
N TYR A 611 10.82 28.44 13.32
CA TYR A 611 11.38 27.97 14.58
C TYR A 611 12.64 28.72 14.95
N ILE A 612 13.54 28.93 13.97
CA ILE A 612 14.80 29.62 14.21
C ILE A 612 14.54 31.07 14.61
N LYS A 613 13.64 31.73 13.88
CA LYS A 613 13.25 33.10 14.22
C LYS A 613 12.78 33.20 15.67
N LYS A 614 11.92 32.28 16.10
CA LYS A 614 11.39 32.36 17.45
C LYS A 614 12.33 31.81 18.52
N ASN A 615 13.40 31.09 18.15
CA ASN A 615 14.21 30.43 19.17
C ASN A 615 15.72 30.56 18.99
N GLY A 616 16.20 31.00 17.84
CA GLY A 616 17.63 31.10 17.64
C GLY A 616 18.23 29.83 17.03
N GLU A 617 19.45 30.01 16.50
CA GLU A 617 20.19 28.92 15.87
C GLU A 617 20.54 27.82 16.87
N GLU A 618 20.56 26.59 16.38
CA GLU A 618 20.93 25.43 17.18
C GLU A 618 22.43 25.21 17.16
N LYS A 619 22.94 24.52 18.18
CA LYS A 619 24.33 24.14 18.20
C LYS A 619 24.63 23.24 17.00
N LEU A 620 25.78 23.47 16.37
CA LEU A 620 26.13 22.67 15.21
C LEU A 620 26.41 21.23 15.65
N LEU A 621 26.55 20.34 14.63
CA LEU A 621 26.78 18.93 14.90
C LEU A 621 28.26 18.61 14.76
N PRO A 622 28.85 17.89 15.71
CA PRO A 622 30.29 17.64 15.66
C PRO A 622 30.64 16.69 14.53
N GLY A 623 31.72 17.00 13.84
CA GLY A 623 32.22 16.16 12.77
C GLY A 623 31.67 16.49 11.41
N LEU A 624 30.75 17.46 11.32
CA LEU A 624 30.09 17.82 10.07
C LEU A 624 30.31 19.29 9.83
N ASP A 625 30.85 19.61 8.66
CA ASP A 625 31.06 21.01 8.27
C ASP A 625 29.80 21.57 7.60
N LEU A 626 28.65 21.38 8.22
CA LEU A 626 27.38 21.78 7.65
C LEU A 626 26.62 22.63 8.65
N ASN A 627 25.94 23.66 8.17
CA ASN A 627 25.06 24.38 9.05
C ASN A 627 23.70 23.67 9.13
N HIS A 628 22.80 24.20 9.94
CA HIS A 628 21.56 23.47 10.17
C HIS A 628 20.61 23.57 8.99
N LYS A 629 20.70 24.63 8.18
CA LYS A 629 19.91 24.61 6.96
C LYS A 629 20.42 23.53 6.02
N GLN A 630 21.74 23.30 5.98
CA GLN A 630 22.22 22.19 5.14
C GLN A 630 21.83 20.84 5.74
N LEU A 631 21.85 20.71 7.07
CA LEU A 631 21.52 19.45 7.73
C LEU A 631 20.04 19.09 7.53
N PHE A 632 19.18 20.11 7.56
CA PHE A 632 17.76 19.93 7.22
C PHE A 632 17.61 19.14 5.93
N PHE A 633 18.24 19.59 4.87
CA PHE A 633 18.12 18.93 3.57
C PHE A 633 18.89 17.62 3.54
N LEU A 634 20.02 17.54 4.23
CA LEU A 634 20.75 16.28 4.28
C LEU A 634 19.90 15.19 4.90
N ASN A 635 19.24 15.50 6.01
CA ASN A 635 18.41 14.49 6.68
C ASN A 635 17.19 14.12 5.85
N PHE A 636 16.51 15.10 5.27
CA PHE A 636 15.46 14.80 4.30
C PHE A 636 15.92 13.79 3.26
N ALA A 637 17.08 14.05 2.65
CA ALA A 637 17.56 13.11 1.63
C ALA A 637 17.88 11.75 2.22
N GLN A 638 18.45 11.71 3.42
CA GLN A 638 18.83 10.42 3.95
C GLN A 638 17.62 9.57 4.33
N VAL A 639 16.47 10.20 4.56
CA VAL A 639 15.23 9.44 4.75
C VAL A 639 14.99 8.51 3.56
N TRP A 640 15.38 8.92 2.37
CA TRP A 640 15.09 8.16 1.15
C TRP A 640 16.27 7.42 0.56
N CYS A 641 17.37 7.27 1.29
CA CYS A 641 18.46 6.45 0.77
C CYS A 641 17.97 5.04 0.57
N GLY A 642 18.38 4.44 -0.54
CA GLY A 642 17.98 3.09 -0.85
C GLY A 642 18.33 2.73 -2.27
N THR A 643 18.03 1.49 -2.61
CA THR A 643 18.32 0.97 -3.94
C THR A 643 17.39 -0.23 -4.18
N TYR A 644 17.31 -0.66 -5.44
CA TYR A 644 16.30 -1.58 -5.92
C TYR A 644 16.93 -2.69 -6.74
N ARG A 645 16.43 -3.92 -6.64
CA ARG A 645 16.80 -4.95 -7.62
C ARG A 645 16.20 -4.59 -8.97
N PRO A 646 16.89 -4.93 -10.07
CA PRO A 646 16.36 -4.61 -11.41
C PRO A 646 14.95 -5.12 -11.65
N GLU A 647 14.70 -6.38 -11.27
CA GLU A 647 13.37 -6.96 -11.47
C GLU A 647 12.31 -6.14 -10.76
N TYR A 648 12.61 -5.70 -9.54
CA TYR A 648 11.61 -4.93 -8.80
C TYR A 648 11.55 -3.47 -9.27
N ALA A 649 12.65 -2.93 -9.80
CA ALA A 649 12.61 -1.59 -10.39
C ALA A 649 11.57 -1.49 -11.49
N VAL A 650 11.53 -2.46 -12.42
CA VAL A 650 10.53 -2.39 -13.48
C VAL A 650 9.15 -2.68 -12.91
N ASN A 651 9.05 -3.53 -11.88
CA ASN A 651 7.80 -3.67 -11.15
C ASN A 651 7.32 -2.31 -10.63
N SER A 652 8.17 -1.61 -9.87
CA SER A 652 7.70 -0.43 -9.13
C SER A 652 7.39 0.75 -10.05
N ILE A 653 8.01 0.81 -11.24
CA ILE A 653 7.68 1.86 -12.20
C ILE A 653 6.22 1.78 -12.64
N LYS A 654 5.66 0.58 -12.67
CA LYS A 654 4.25 0.40 -13.06
C LYS A 654 3.30 0.37 -11.87
N THR A 655 3.77 -0.08 -10.70
CA THR A 655 2.84 -0.31 -9.60
C THR A 655 2.98 0.66 -8.44
N ASP A 656 4.13 1.32 -8.27
CA ASP A 656 4.31 2.22 -7.13
C ASP A 656 3.83 3.62 -7.50
N VAL A 657 2.95 4.19 -6.67
CA VAL A 657 2.52 5.56 -6.94
C VAL A 657 3.58 6.55 -6.49
N HIS A 658 4.62 6.08 -5.79
CA HIS A 658 5.74 6.93 -5.39
C HIS A 658 6.83 6.91 -6.44
N SER A 659 7.57 8.02 -6.52
CA SER A 659 8.83 7.97 -7.23
C SER A 659 9.84 7.16 -6.43
N PRO A 660 10.84 6.58 -7.09
CA PRO A 660 11.94 5.95 -6.33
C PRO A 660 12.65 7.00 -5.50
N GLY A 661 13.15 6.58 -4.33
CA GLY A 661 13.76 7.54 -3.42
C GLY A 661 14.76 8.47 -4.07
N ASN A 662 15.52 7.96 -5.04
CA ASN A 662 16.58 8.85 -5.52
C ASN A 662 16.03 9.95 -6.40
N PHE A 663 14.90 9.71 -7.08
CA PHE A 663 14.23 10.77 -7.82
C PHE A 663 13.30 11.61 -6.96
N ARG A 664 12.77 11.07 -5.85
CA ARG A 664 12.14 11.94 -4.86
C ARG A 664 13.14 12.97 -4.35
N ILE A 665 14.39 12.57 -4.16
CA ILE A 665 15.42 13.48 -3.68
C ILE A 665 15.78 14.49 -4.76
N ILE A 666 16.15 14.02 -5.95
CA ILE A 666 16.58 14.93 -6.99
C ILE A 666 15.45 15.83 -7.43
N GLY A 667 14.27 15.27 -7.71
CA GLY A 667 13.16 16.07 -8.21
C GLY A 667 12.76 17.20 -7.27
N THR A 668 12.52 16.89 -6.00
CA THR A 668 12.05 17.93 -5.09
C THR A 668 13.14 18.98 -4.86
N LEU A 669 14.40 18.56 -4.77
CA LEU A 669 15.45 19.54 -4.50
C LEU A 669 15.76 20.39 -5.71
N GLN A 670 15.66 19.81 -6.92
CA GLN A 670 15.69 20.59 -8.16
C GLN A 670 14.68 21.75 -8.12
N ASN A 671 13.50 21.51 -7.54
CA ASN A 671 12.43 22.49 -7.51
C ASN A 671 12.50 23.44 -6.34
N SER A 672 13.49 23.30 -5.46
CA SER A 672 13.60 24.07 -4.23
C SER A 672 14.71 25.12 -4.38
N ALA A 673 14.33 26.40 -4.42
CA ALA A 673 15.30 27.49 -4.34
C ALA A 673 16.03 27.46 -3.01
N GLU A 674 15.30 27.19 -1.94
CA GLU A 674 15.87 27.20 -0.61
C GLU A 674 17.00 26.18 -0.48
N PHE A 675 16.90 25.06 -1.20
CA PHE A 675 18.00 24.10 -1.23
C PHE A 675 19.23 24.68 -1.92
N SER A 676 19.04 25.30 -3.09
CA SER A 676 20.20 25.82 -3.80
C SER A 676 20.87 26.97 -3.06
N GLU A 677 20.09 27.75 -2.31
CA GLU A 677 20.67 28.74 -1.42
C GLU A 677 21.51 28.07 -0.33
N ALA A 678 20.98 27.01 0.30
CA ALA A 678 21.69 26.37 1.39
C ALA A 678 23.04 25.86 0.96
N PHE A 679 23.16 25.39 -0.28
CA PHE A 679 24.39 24.77 -0.73
C PHE A 679 25.12 25.59 -1.80
N HIS A 680 24.73 26.85 -2.02
CA HIS A 680 25.40 27.76 -2.95
C HIS A 680 25.57 27.09 -4.31
N CYS A 681 24.45 26.61 -4.85
CA CYS A 681 24.49 25.96 -6.15
C CYS A 681 24.47 26.99 -7.26
N ARG A 682 25.38 26.83 -8.22
CA ARG A 682 25.44 27.73 -9.36
C ARG A 682 24.17 27.58 -10.20
N LYS A 683 23.84 28.67 -10.90
CA LYS A 683 22.69 28.64 -11.79
C LYS A 683 22.87 27.52 -12.82
N ASN A 684 21.78 26.81 -13.08
CA ASN A 684 21.69 25.75 -14.08
C ASN A 684 22.62 24.56 -13.83
N SER A 685 23.23 24.46 -12.65
CA SER A 685 23.81 23.16 -12.25
C SER A 685 22.69 22.13 -12.13
N TYR A 686 23.07 20.85 -12.11
CA TYR A 686 22.06 19.81 -12.28
C TYR A 686 20.96 19.91 -11.21
N MET A 687 21.35 20.10 -9.95
CA MET A 687 20.42 20.22 -8.85
C MET A 687 19.71 21.56 -8.81
N ASN A 688 20.05 22.50 -9.68
CA ASN A 688 19.48 23.85 -9.65
C ASN A 688 19.10 24.32 -11.05
N PRO A 689 18.09 23.70 -11.67
CA PRO A 689 17.65 24.17 -12.99
C PRO A 689 16.88 25.48 -12.86
N GLU A 690 16.96 26.28 -13.93
CA GLU A 690 16.26 27.57 -13.90
C GLU A 690 14.76 27.38 -13.80
N LYS A 691 14.20 26.42 -14.55
CA LYS A 691 12.79 26.11 -14.46
C LYS A 691 12.53 25.22 -13.25
N LYS A 692 11.63 25.67 -12.37
CA LYS A 692 11.30 24.94 -11.15
C LYS A 692 9.79 24.83 -11.04
N CYS A 693 9.33 23.64 -10.69
CA CYS A 693 7.91 23.38 -10.53
C CYS A 693 7.47 23.68 -9.11
N ARG A 694 6.24 24.18 -8.98
CA ARG A 694 5.69 24.50 -7.68
C ARG A 694 4.18 24.41 -7.77
N VAL A 695 3.57 23.61 -6.89
CA VAL A 695 2.14 23.63 -6.66
C VAL A 695 1.95 24.27 -5.29
N TRP A 696 2.04 23.45 -4.23
CA TRP A 696 1.89 23.97 -2.89
C TRP A 696 3.19 24.51 -2.28
C1 NAG B . 4.82 -28.00 16.56
C2 NAG B . 5.22 -28.07 18.04
C3 NAG B . 5.42 -29.52 18.49
C4 NAG B . 4.20 -30.37 18.12
C5 NAG B . 3.87 -30.21 16.64
C6 NAG B . 2.60 -30.92 16.26
C7 NAG B . 6.43 -26.21 19.04
C8 NAG B . 7.76 -25.53 19.20
N2 NAG B . 6.43 -27.30 18.28
O3 NAG B . 5.61 -29.55 19.90
O4 NAG B . 4.46 -31.75 18.40
O5 NAG B . 3.66 -28.82 16.35
O6 NAG B . 1.50 -30.50 17.06
O7 NAG B . 5.41 -25.79 19.56
C1 NAG C . -29.48 -17.40 -7.22
C2 NAG C . -30.27 -17.77 -5.95
C3 NAG C . -30.27 -19.29 -5.73
C4 NAG C . -30.68 -20.03 -7.00
C5 NAG C . -29.76 -19.62 -8.13
C6 NAG C . -30.07 -20.31 -9.43
C7 NAG C . -30.18 -15.93 -4.31
C8 NAG C . -29.50 -15.42 -3.07
N2 NAG C . -29.72 -17.10 -4.78
O3 NAG C . -31.16 -19.59 -4.66
O4 NAG C . -30.56 -21.43 -6.80
O5 NAG C . -29.92 -18.21 -8.34
O6 NAG C . -28.91 -20.44 -10.24
O7 NAG C . -31.09 -15.32 -4.86
C1 NAG D . 9.83 15.84 -20.98
C2 NAG D . 8.45 15.22 -21.22
C3 NAG D . 7.75 15.85 -22.42
C4 NAG D . 7.74 17.37 -22.30
C5 NAG D . 9.16 17.88 -22.08
C6 NAG D . 9.23 19.38 -21.92
C7 NAG D . 7.83 12.91 -20.66
C8 NAG D . 8.01 11.45 -20.98
N2 NAG D . 8.54 13.77 -21.39
O3 NAG D . 6.42 15.35 -22.54
O4 NAG D . 7.23 17.94 -23.50
O5 NAG D . 9.70 17.29 -20.90
O6 NAG D . 9.32 19.77 -20.55
O7 NAG D . 7.07 13.31 -19.76
C1 NAG E . -7.34 -4.69 -25.94
C2 NAG E . -6.78 -5.26 -27.24
C3 NAG E . -6.97 -4.26 -28.38
C4 NAG E . -8.42 -3.77 -28.45
C5 NAG E . -8.89 -3.31 -27.08
C6 NAG E . -10.37 -2.96 -27.03
C7 NAG E . -4.87 -6.82 -27.34
C8 NAG E . -3.41 -6.99 -27.10
N2 NAG E . -5.37 -5.60 -27.09
O3 NAG E . -6.60 -4.86 -29.63
O4 NAG E . -8.52 -2.68 -29.35
O5 NAG E . -8.71 -4.35 -26.11
O6 NAG E . -10.88 -3.16 -25.72
O7 NAG E . -5.58 -7.74 -27.76
ZN ZN F . 2.26 9.98 0.01
C1 EDO G . -7.36 -9.51 -5.07
O1 EDO G . -6.59 -10.26 -6.02
C2 EDO G . -8.57 -10.36 -4.73
O2 EDO G . -9.27 -9.77 -3.63
C1 EDO H . -12.63 1.82 -1.50
O1 EDO H . -13.22 2.73 -2.43
C2 EDO H . -13.72 1.49 -0.47
O2 EDO H . -14.02 2.64 0.35
C1 EDO I . -3.69 -33.53 -16.21
O1 EDO I . -2.34 -33.94 -15.89
C2 EDO I . -4.40 -34.63 -17.03
O2 EDO I . -5.77 -34.30 -17.34
C1 EDO J . -8.80 3.17 -6.78
O1 EDO J . -10.17 2.82 -6.55
C2 EDO J . -8.70 4.50 -7.50
O2 EDO J . -7.33 4.93 -7.56
C1 EDO K . -3.65 24.02 14.73
O1 EDO K . -3.46 22.77 15.38
C2 EDO K . -2.39 24.85 14.91
O2 EDO K . -1.76 25.06 13.63
C1 EDO L . -3.31 2.01 5.02
O1 EDO L . -3.01 1.40 6.27
C2 EDO L . -4.18 3.25 5.26
O2 EDO L . -4.38 3.91 4.00
N NO3 M . -9.38 -11.82 -12.40
O1 NO3 M . -8.16 -12.13 -12.57
O2 NO3 M . -10.20 -11.72 -13.37
O3 NO3 M . -9.80 -11.59 -11.22
N NO3 N . 12.50 -16.58 -3.40
O1 NO3 N . 12.25 -17.49 -2.55
O2 NO3 N . 11.87 -15.46 -3.39
O3 NO3 N . 13.41 -16.81 -4.26
C1 PEG O . -20.12 -27.12 -4.93
O1 PEG O . -20.55 -28.07 -4.01
C2 PEG O . -19.64 -25.90 -4.15
O2 PEG O . -20.33 -25.82 -2.94
C3 PEG O . -20.61 -24.51 -2.54
C4 PEG O . -21.78 -24.45 -1.55
O4 PEG O . -21.43 -25.19 -0.42
C2 PEG P . 9.01 -3.30 -0.97
O2 PEG P . 8.04 -4.28 -1.24
C3 PEG P . 8.49 -5.40 -1.97
C4 PEG P . 7.47 -6.55 -1.93
O4 PEG P . 7.61 -7.28 -0.74
C1 PEG Q . 6.87 5.47 0.48
C2 PEG Q . 6.74 6.37 1.72
O2 PEG Q . 5.66 7.29 1.70
C3 PEG Q . 5.93 8.68 1.89
C4 PEG Q . 5.87 9.14 3.38
O4 PEG Q . 6.11 8.07 4.28
C1 GOL R . -12.22 -31.77 -19.70
O1 GOL R . -13.17 -31.27 -20.65
C2 GOL R . -11.22 -32.73 -20.43
O2 GOL R . -10.65 -32.14 -21.57
C3 GOL R . -10.13 -33.15 -19.34
O3 GOL R . -9.15 -32.13 -19.25
P PO4 S . 2.43 7.98 1.86
O1 PO4 S . 1.77 9.34 1.93
O2 PO4 S . 1.35 6.90 1.85
O3 PO4 S . 3.28 7.96 0.62
O4 PO4 S . 3.35 7.73 3.05
#